data_1PEM
#
_entry.id   1PEM
#
_cell.length_a   99.079
_cell.length_b   99.079
_cell.length_c   290.285
_cell.angle_alpha   90.00
_cell.angle_beta   90.00
_cell.angle_gamma   90.00
#
_symmetry.space_group_name_H-M   'P 43 21 2'
#
_entity_poly.entity_id   1
_entity_poly.type   'polypeptide(L)'
_entity_poly.pdbx_seq_one_letter_code
;MATTTPERVMQETMDYHALNAMLNLYDKAGHIQFDKDQQAIDAFFATHVRPHSVTFASQHERLGTLVREGYYDDAVLARY
DRAFVLRLFEHAHASGFRFQTFLGAWKFYTSYTLKTFDGKRYLEHFEDRVTMVALTLAQGDETLATQLTDEMLSGRFQPA
TPTFLNCGKQQRGELVSCFLLRIEDNMESIGRAVNSALQLSKRGGGVAFLLSNLREAGAPIKRIENQSSGVIPVMKMLED
AFSYANQLGARQGAGAVYLHAHHPDILRFLDTKRENADEKIRIKTLSLGVVIPDITFRLAKENAQMALFSPYDIQRRYGK
PFGDIAISERYDELIADPHVRKTYINARDFFQTLAEIQFESGYPYIMFEDTVNRANPIAGRINMSNLCSEILQVNSASRY
DDNLDYTHIGHDISCNLGSLNIAHVMDSPDIGRTVETAIRGLTAVSDMSHIRSVPSIAAGNAASHAIGLGQMNLHGYLAR
EGIAYGSPEALDFTNLYFYTITWHAVHTSMRLARERGKTFAGFAQSRYASGDYFTQYLQDDWQPKTAKVRALFARSGITL
PTREMWLKLRDDVMRYGIYNQNLQAVPPTGSISYINHATSSIHPIVAKIEIRKEGKTGRVYYPAPFMTNENLDMYQDAYD
IGPEKIIDTYAEATRHVDQGLSLTLFFPDTATTRDINKAQIYAWRKGIKSLYYIRLRQLALEGTEIEGCVSCAL
;
_entity_poly.pdbx_strand_id   A
#
# COMPACT_ATOMS: atom_id res chain seq x y z
N THR A 13 -1.75 17.59 -37.90
CA THR A 13 -1.24 16.31 -37.40
C THR A 13 -1.98 15.87 -36.12
N MET A 14 -2.95 16.65 -35.73
CA MET A 14 -3.77 16.56 -34.48
C MET A 14 -4.57 15.29 -34.11
N ASP A 15 -4.35 14.11 -34.64
CA ASP A 15 -4.46 12.82 -33.75
C ASP A 15 -3.50 12.34 -32.67
N TYR A 16 -3.85 12.65 -31.43
CA TYR A 16 -2.98 12.39 -30.28
C TYR A 16 -2.80 10.90 -30.03
N HIS A 17 -3.81 10.11 -30.34
CA HIS A 17 -3.73 8.66 -30.16
C HIS A 17 -2.67 8.02 -31.08
N ALA A 18 -2.87 8.17 -32.38
CA ALA A 18 -1.88 7.80 -33.40
C ALA A 18 -0.50 8.28 -33.00
N LEU A 19 -0.36 9.48 -32.48
CA LEU A 19 0.98 9.91 -32.16
C LEU A 19 1.50 9.03 -31.05
N ASN A 20 0.63 8.72 -30.12
CA ASN A 20 1.03 7.97 -28.97
C ASN A 20 1.44 6.59 -29.44
N ALA A 21 0.62 6.07 -30.33
CA ALA A 21 0.83 4.77 -30.89
C ALA A 21 2.23 4.68 -31.46
N MET A 22 2.74 5.79 -31.96
CA MET A 22 4.04 5.77 -32.57
C MET A 22 5.06 5.16 -31.61
N LEU A 23 4.76 5.15 -30.32
CA LEU A 23 5.72 4.61 -29.36
C LEU A 23 5.84 3.12 -29.48
N ASN A 24 4.96 2.54 -30.27
CA ASN A 24 4.93 1.11 -30.43
C ASN A 24 5.66 0.63 -31.68
N LEU A 25 6.53 1.45 -32.25
CA LEU A 25 7.24 1.09 -33.48
C LEU A 25 8.72 1.19 -33.25
N TYR A 26 9.45 0.27 -33.87
CA TYR A 26 10.89 0.22 -33.81
C TYR A 26 11.40 0.47 -35.22
N ASP A 27 12.52 1.17 -35.33
CA ASP A 27 13.13 1.41 -36.63
C ASP A 27 14.08 0.25 -36.82
N LYS A 28 14.54 0.08 -38.05
CA LYS A 28 15.47 -0.98 -38.37
C LYS A 28 16.62 -1.11 -37.36
N ALA A 29 16.82 -0.14 -36.50
CA ALA A 29 17.91 -0.28 -35.55
C ALA A 29 17.39 -0.48 -34.14
N GLY A 30 16.11 -0.83 -34.04
CA GLY A 30 15.49 -1.09 -32.75
C GLY A 30 15.45 0.11 -31.83
N HIS A 31 15.01 1.23 -32.39
CA HIS A 31 14.99 2.48 -31.65
C HIS A 31 13.58 3.01 -31.70
N ILE A 32 13.18 3.80 -30.70
CA ILE A 32 11.77 4.16 -30.61
C ILE A 32 11.16 5.44 -31.22
N GLN A 33 11.73 6.63 -31.05
CA GLN A 33 11.07 7.83 -31.59
C GLN A 33 10.04 8.42 -30.59
N PHE A 34 10.62 8.58 -29.38
CA PHE A 34 10.15 9.29 -28.16
C PHE A 34 9.65 10.69 -28.33
N ASP A 35 10.34 11.51 -29.08
CA ASP A 35 9.63 12.75 -29.36
C ASP A 35 8.13 12.62 -29.74
N LYS A 36 7.68 11.55 -30.39
CA LYS A 36 6.29 11.51 -30.85
C LYS A 36 5.30 11.56 -29.70
N ASP A 37 5.75 11.14 -28.52
CA ASP A 37 4.88 11.16 -27.37
C ASP A 37 4.60 12.60 -26.94
N GLN A 38 5.64 13.44 -26.91
CA GLN A 38 5.47 14.87 -26.63
C GLN A 38 4.48 15.47 -27.60
N GLN A 39 4.67 15.19 -28.88
CA GLN A 39 3.74 15.71 -29.84
C GLN A 39 2.34 15.30 -29.49
N ALA A 40 2.19 14.11 -28.93
CA ALA A 40 0.85 13.66 -28.63
C ALA A 40 0.28 14.46 -27.46
N ILE A 41 1.12 14.84 -26.51
CA ILE A 41 0.64 15.67 -25.41
C ILE A 41 0.12 16.97 -26.00
N ASP A 42 1.01 17.71 -26.63
CA ASP A 42 0.67 18.94 -27.32
C ASP A 42 -0.64 18.82 -28.10
N ALA A 43 -0.78 17.83 -28.96
CA ALA A 43 -2.00 17.83 -29.74
C ALA A 43 -3.21 17.55 -28.87
N PHE A 44 -2.97 16.95 -27.70
CA PHE A 44 -4.07 16.64 -26.81
C PHE A 44 -4.56 17.91 -26.21
N PHE A 45 -3.63 18.72 -25.73
CA PHE A 45 -4.06 19.93 -25.08
C PHE A 45 -4.77 20.82 -26.08
N ALA A 46 -4.25 20.91 -27.28
CA ALA A 46 -4.78 21.80 -28.29
C ALA A 46 -6.10 21.37 -28.87
N THR A 47 -6.27 20.08 -29.09
CA THR A 47 -7.49 19.65 -29.75
C THR A 47 -8.58 19.23 -28.78
N HIS A 48 -8.21 18.96 -27.53
CA HIS A 48 -9.18 18.48 -26.54
C HIS A 48 -9.24 19.23 -25.19
N VAL A 49 -8.11 19.45 -24.52
CA VAL A 49 -8.17 20.00 -23.17
C VAL A 49 -8.62 21.43 -23.24
N ARG A 50 -7.88 22.23 -23.98
CA ARG A 50 -8.20 23.62 -24.08
C ARG A 50 -9.63 23.80 -24.56
N PRO A 51 -9.96 23.30 -25.74
CA PRO A 51 -11.32 23.52 -26.23
C PRO A 51 -12.39 23.05 -25.30
N HIS A 52 -12.13 22.25 -24.27
CA HIS A 52 -13.23 21.84 -23.41
C HIS A 52 -13.03 22.24 -21.94
N SER A 53 -12.04 23.07 -21.67
CA SER A 53 -11.87 23.61 -20.33
C SER A 53 -12.65 24.90 -20.14
N VAL A 54 -13.10 25.12 -18.91
CA VAL A 54 -13.90 26.28 -18.57
C VAL A 54 -12.99 27.28 -17.92
N THR A 55 -12.87 28.47 -18.49
CA THR A 55 -11.98 29.48 -17.92
C THR A 55 -12.74 30.73 -17.46
N PHE A 56 -12.40 31.25 -16.28
CA PHE A 56 -13.18 32.35 -15.73
C PHE A 56 -12.49 33.70 -15.85
N ALA A 57 -13.26 34.76 -15.66
CA ALA A 57 -12.67 36.08 -15.69
C ALA A 57 -11.57 36.22 -14.64
N SER A 58 -11.71 35.50 -13.53
CA SER A 58 -10.68 35.46 -12.49
C SER A 58 -10.88 34.32 -11.51
N GLN A 59 -9.89 34.13 -10.66
CA GLN A 59 -9.94 33.09 -9.67
C GLN A 59 -11.12 33.36 -8.75
N HIS A 60 -11.16 34.57 -8.22
CA HIS A 60 -12.22 34.99 -7.33
C HIS A 60 -13.57 34.56 -7.86
N GLU A 61 -13.87 34.94 -9.09
CA GLU A 61 -15.16 34.58 -9.64
C GLU A 61 -15.31 33.07 -9.75
N ARG A 62 -14.21 32.37 -10.05
CA ARG A 62 -14.27 30.92 -10.25
C ARG A 62 -14.64 30.25 -8.95
N LEU A 63 -13.89 30.54 -7.91
CA LEU A 63 -14.18 29.92 -6.65
C LEU A 63 -15.60 30.26 -6.28
N GLY A 64 -16.08 31.40 -6.76
CA GLY A 64 -17.42 31.83 -6.43
C GLY A 64 -18.37 30.89 -7.12
N THR A 65 -18.27 30.86 -8.44
CA THR A 65 -19.14 30.03 -9.23
C THR A 65 -19.12 28.59 -8.77
N LEU A 66 -17.93 28.02 -8.63
CA LEU A 66 -17.84 26.60 -8.31
C LEU A 66 -18.47 26.31 -6.97
N VAL A 67 -18.28 27.17 -5.98
CA VAL A 67 -18.99 26.93 -4.75
C VAL A 67 -20.51 27.04 -4.96
N ARG A 68 -20.94 28.05 -5.71
CA ARG A 68 -22.36 28.29 -5.83
C ARG A 68 -23.08 27.16 -6.55
N GLU A 69 -22.51 26.68 -7.64
CA GLU A 69 -23.17 25.65 -8.43
C GLU A 69 -22.97 24.22 -7.88
N GLY A 70 -22.42 24.09 -6.68
CA GLY A 70 -22.27 22.80 -6.05
C GLY A 70 -21.06 21.92 -6.37
N TYR A 71 -19.98 22.50 -6.90
CA TYR A 71 -18.83 21.69 -7.27
C TYR A 71 -17.77 21.67 -6.20
N TYR A 72 -17.43 22.83 -5.65
CA TYR A 72 -16.38 22.90 -4.64
C TYR A 72 -16.98 23.07 -3.28
N ASP A 73 -16.26 22.61 -2.27
CA ASP A 73 -16.78 22.68 -0.92
C ASP A 73 -16.29 23.92 -0.19
N ASP A 74 -17.19 24.88 -0.04
CA ASP A 74 -16.82 26.10 0.62
C ASP A 74 -16.24 25.82 1.98
N ALA A 75 -16.62 24.69 2.55
CA ALA A 75 -16.17 24.47 3.90
C ALA A 75 -14.66 24.46 3.97
N VAL A 76 -14.01 24.06 2.87
CA VAL A 76 -12.57 23.92 2.85
C VAL A 76 -11.91 25.27 2.69
N LEU A 77 -12.46 26.10 1.82
CA LEU A 77 -11.96 27.46 1.66
C LEU A 77 -12.18 28.32 2.89
N ALA A 78 -13.23 28.04 3.65
CA ALA A 78 -13.55 28.87 4.80
C ALA A 78 -12.54 28.77 5.92
N ARG A 79 -11.45 28.07 5.71
CA ARG A 79 -10.52 28.00 6.81
C ARG A 79 -9.30 28.85 6.51
N TYR A 80 -9.38 29.55 5.38
CA TYR A 80 -8.33 30.45 4.94
C TYR A 80 -8.84 31.85 4.58
N ASP A 81 -7.98 32.87 4.66
CA ASP A 81 -8.36 34.17 4.13
C ASP A 81 -8.41 34.06 2.62
N ARG A 82 -9.54 34.43 2.05
CA ARG A 82 -9.73 34.38 0.61
C ARG A 82 -8.50 34.82 -0.17
N ALA A 83 -7.81 35.83 0.36
CA ALA A 83 -6.67 36.43 -0.35
C ALA A 83 -5.58 35.37 -0.46
N PHE A 84 -5.34 34.68 0.65
CA PHE A 84 -4.38 33.59 0.66
C PHE A 84 -4.72 32.52 -0.39
N VAL A 85 -5.96 32.06 -0.37
CA VAL A 85 -6.45 31.16 -1.40
C VAL A 85 -6.18 31.65 -2.81
N LEU A 86 -6.44 32.91 -3.11
CA LEU A 86 -6.23 33.41 -4.46
C LEU A 86 -4.75 33.40 -4.82
N ARG A 87 -3.92 33.62 -3.81
CA ARG A 87 -2.49 33.71 -4.02
C ARG A 87 -1.95 32.34 -4.35
N LEU A 88 -2.36 31.36 -3.53
CA LEU A 88 -1.89 30.01 -3.67
C LEU A 88 -2.24 29.48 -5.03
N PHE A 89 -3.41 29.81 -5.50
CA PHE A 89 -3.75 29.35 -6.81
C PHE A 89 -2.86 29.91 -7.86
N GLU A 90 -2.43 31.13 -7.62
CA GLU A 90 -1.71 31.79 -8.67
C GLU A 90 -0.31 31.21 -8.68
N HIS A 91 0.22 30.99 -7.49
CA HIS A 91 1.55 30.46 -7.31
C HIS A 91 1.61 29.12 -7.98
N ALA A 92 0.48 28.45 -7.90
CA ALA A 92 0.38 27.13 -8.43
C ALA A 92 0.53 27.28 -9.92
N HIS A 93 -0.37 28.00 -10.55
CA HIS A 93 -0.30 28.08 -12.01
C HIS A 93 0.99 28.71 -12.55
N ALA A 94 1.85 29.19 -11.68
CA ALA A 94 3.05 29.87 -12.14
C ALA A 94 4.28 28.99 -11.93
N SER A 95 4.06 27.80 -11.39
CA SER A 95 5.13 26.86 -11.14
C SER A 95 5.72 26.34 -12.44
N GLY A 96 4.95 26.38 -13.52
CA GLY A 96 5.41 25.87 -14.80
C GLY A 96 5.41 24.36 -14.88
N PHE A 97 4.36 23.76 -14.32
CA PHE A 97 4.17 22.33 -14.33
C PHE A 97 3.85 21.88 -15.73
N ARG A 98 4.32 20.69 -16.10
CA ARG A 98 4.05 20.12 -17.41
C ARG A 98 3.84 18.64 -17.27
N PHE A 99 2.91 18.07 -18.02
CA PHE A 99 2.79 16.63 -17.97
C PHE A 99 3.93 16.12 -18.85
N GLN A 100 4.56 15.04 -18.41
CA GLN A 100 5.69 14.45 -19.13
C GLN A 100 5.26 13.43 -20.16
N THR A 101 4.05 12.88 -20.04
CA THR A 101 3.60 11.85 -20.98
C THR A 101 2.16 11.97 -21.36
N PHE A 102 1.83 11.55 -22.56
CA PHE A 102 0.46 11.59 -22.98
C PHE A 102 -0.46 10.85 -21.99
N LEU A 103 -0.08 9.66 -21.56
CA LEU A 103 -0.90 8.89 -20.60
C LEU A 103 -1.19 9.68 -19.32
N GLY A 104 -0.15 10.26 -18.72
CA GLY A 104 -0.35 11.14 -17.56
C GLY A 104 -1.42 12.20 -17.76
N ALA A 105 -1.34 12.90 -18.89
CA ALA A 105 -2.31 13.94 -19.15
C ALA A 105 -3.65 13.28 -19.37
N TRP A 106 -3.67 12.24 -20.19
CA TRP A 106 -4.93 11.62 -20.54
C TRP A 106 -5.61 11.02 -19.32
N LYS A 107 -4.81 10.45 -18.45
CA LYS A 107 -5.34 9.80 -17.27
C LYS A 107 -5.92 10.84 -16.33
N PHE A 108 -5.23 11.96 -16.19
CA PHE A 108 -5.69 13.03 -15.31
C PHE A 108 -7.02 13.64 -15.74
N TYR A 109 -7.12 14.04 -17.00
CA TYR A 109 -8.37 14.60 -17.50
C TYR A 109 -9.49 13.58 -17.63
N THR A 110 -9.19 12.32 -17.89
CA THR A 110 -10.29 11.39 -18.08
C THR A 110 -10.85 10.84 -16.81
N SER A 111 -10.14 10.94 -15.70
CA SER A 111 -10.59 10.30 -14.48
C SER A 111 -10.16 10.93 -13.15
N TYR A 112 -9.43 12.03 -13.17
CA TYR A 112 -9.11 12.72 -11.91
C TYR A 112 -9.67 14.14 -11.80
N THR A 113 -9.48 14.94 -12.84
CA THR A 113 -9.87 16.33 -12.75
C THR A 113 -11.38 16.42 -12.71
N LEU A 114 -11.87 17.54 -12.19
CA LEU A 114 -13.29 17.80 -12.04
C LEU A 114 -13.91 18.25 -13.32
N LYS A 115 -15.10 17.73 -13.60
CA LYS A 115 -15.81 18.05 -14.81
C LYS A 115 -17.13 18.61 -14.44
N THR A 116 -17.86 19.12 -15.43
CA THR A 116 -19.17 19.64 -15.16
C THR A 116 -20.10 18.49 -14.90
N PHE A 117 -21.19 18.78 -14.22
CA PHE A 117 -22.14 17.73 -13.87
C PHE A 117 -22.64 16.94 -15.05
N ASP A 118 -22.69 17.55 -16.23
CA ASP A 118 -23.15 16.84 -17.41
C ASP A 118 -22.00 16.15 -18.14
N GLY A 119 -20.79 16.32 -17.63
CA GLY A 119 -19.61 15.67 -18.17
C GLY A 119 -19.27 16.12 -19.58
N LYS A 120 -19.03 17.42 -19.75
CA LYS A 120 -18.73 17.95 -21.08
C LYS A 120 -17.70 19.04 -21.10
N ARG A 121 -17.22 19.45 -19.94
CA ARG A 121 -16.25 20.52 -19.89
C ARG A 121 -15.47 20.26 -18.63
N TYR A 122 -14.29 20.87 -18.52
CA TYR A 122 -13.41 20.64 -17.40
C TYR A 122 -13.35 21.88 -16.55
N LEU A 123 -13.37 21.69 -15.23
CA LEU A 123 -13.37 22.80 -14.31
C LEU A 123 -12.05 22.90 -13.61
N GLU A 124 -11.11 22.04 -13.96
CA GLU A 124 -9.87 21.97 -13.22
C GLU A 124 -8.70 21.51 -14.05
N HIS A 125 -7.53 21.97 -13.61
CA HIS A 125 -6.28 21.64 -14.24
C HIS A 125 -5.43 21.11 -13.13
N PHE A 126 -4.30 20.51 -13.47
CA PHE A 126 -3.46 19.94 -12.45
C PHE A 126 -3.22 20.79 -11.18
N GLU A 127 -2.81 22.04 -11.37
CA GLU A 127 -2.40 22.92 -10.26
C GLU A 127 -3.61 23.25 -9.45
N ASP A 128 -4.75 23.27 -10.10
CA ASP A 128 -5.98 23.57 -9.42
C ASP A 128 -6.20 22.44 -8.44
N ARG A 129 -6.24 21.20 -8.95
CA ARG A 129 -6.54 20.03 -8.13
C ARG A 129 -5.54 19.94 -7.01
N VAL A 130 -4.32 20.20 -7.38
CA VAL A 130 -3.29 20.16 -6.38
C VAL A 130 -3.61 21.15 -5.29
N THR A 131 -3.90 22.38 -5.67
CA THR A 131 -4.14 23.44 -4.70
C THR A 131 -5.19 23.03 -3.68
N MET A 132 -6.35 22.63 -4.19
CA MET A 132 -7.45 22.19 -3.35
C MET A 132 -7.01 21.07 -2.40
N VAL A 133 -6.14 20.20 -2.88
CA VAL A 133 -5.66 19.11 -2.06
C VAL A 133 -4.87 19.70 -0.91
N ALA A 134 -3.91 20.56 -1.27
CA ALA A 134 -3.13 21.29 -0.29
C ALA A 134 -4.01 22.02 0.70
N LEU A 135 -5.04 22.68 0.20
CA LEU A 135 -5.87 23.46 1.09
C LEU A 135 -6.55 22.57 2.06
N THR A 136 -6.99 21.41 1.58
CA THR A 136 -7.72 20.51 2.43
C THR A 136 -6.84 19.90 3.47
N LEU A 137 -5.67 19.46 3.06
CA LEU A 137 -4.85 18.79 4.03
C LEU A 137 -4.30 19.74 5.06
N ALA A 138 -3.93 20.93 4.63
CA ALA A 138 -3.24 21.84 5.52
C ALA A 138 -4.19 22.42 6.57
N GLN A 139 -5.48 22.31 6.27
CA GLN A 139 -6.55 22.74 7.16
C GLN A 139 -6.25 24.01 7.96
N GLY A 140 -5.75 25.04 7.28
CA GLY A 140 -5.78 26.39 7.90
C GLY A 140 -4.34 26.84 7.84
N ASP A 141 -3.41 25.94 8.14
CA ASP A 141 -2.00 26.30 8.11
C ASP A 141 -1.48 26.68 6.71
N GLU A 142 -1.34 27.98 6.49
CA GLU A 142 -0.83 28.55 5.22
C GLU A 142 0.54 28.03 4.80
N THR A 143 1.45 27.94 5.74
CA THR A 143 2.78 27.49 5.38
C THR A 143 2.69 26.07 4.85
N LEU A 144 2.12 25.21 5.68
CA LEU A 144 1.89 23.84 5.33
C LEU A 144 1.25 23.75 3.95
N ALA A 145 0.17 24.47 3.76
CA ALA A 145 -0.52 24.43 2.50
C ALA A 145 0.40 24.73 1.36
N THR A 146 1.28 25.71 1.57
CA THR A 146 2.11 26.19 0.51
C THR A 146 3.10 25.10 0.24
N GLN A 147 3.64 24.55 1.31
CA GLN A 147 4.61 23.47 1.21
C GLN A 147 3.97 22.29 0.47
N LEU A 148 2.80 21.84 0.92
CA LEU A 148 2.08 20.83 0.16
C LEU A 148 2.04 21.18 -1.33
N THR A 149 1.69 22.39 -1.69
CA THR A 149 1.61 22.69 -3.10
C THR A 149 2.91 22.49 -3.84
N ASP A 150 4.01 22.82 -3.17
CA ASP A 150 5.31 22.83 -3.83
C ASP A 150 5.72 21.41 -4.01
N GLU A 151 5.67 20.68 -2.91
CA GLU A 151 5.97 19.25 -2.91
C GLU A 151 5.19 18.55 -4.01
N MET A 152 3.90 18.77 -4.10
CA MET A 152 3.14 18.10 -5.15
C MET A 152 3.53 18.54 -6.56
N LEU A 153 3.73 19.84 -6.79
CA LEU A 153 3.98 20.29 -8.16
C LEU A 153 5.38 19.91 -8.65
N SER A 154 6.34 19.84 -7.74
CA SER A 154 7.69 19.50 -8.10
C SER A 154 7.78 18.04 -8.46
N GLY A 155 6.72 17.31 -8.14
CA GLY A 155 6.63 15.90 -8.46
C GLY A 155 7.23 15.10 -7.34
N ARG A 156 7.62 15.81 -6.29
CA ARG A 156 8.24 15.16 -5.14
C ARG A 156 7.29 14.24 -4.39
N PHE A 157 6.11 14.72 -4.01
CA PHE A 157 5.12 13.96 -3.24
C PHE A 157 3.88 13.71 -4.09
N GLN A 158 3.24 12.56 -3.88
CA GLN A 158 2.04 12.26 -4.63
C GLN A 158 1.13 11.33 -3.86
N PRO A 159 0.11 11.94 -3.26
CA PRO A 159 -0.87 11.25 -2.45
C PRO A 159 -1.66 10.23 -3.24
N ALA A 160 -2.17 9.25 -2.52
CA ALA A 160 -2.93 8.14 -3.08
C ALA A 160 -4.19 8.64 -3.74
N THR A 161 -4.62 7.93 -4.77
CA THR A 161 -5.70 8.43 -5.60
C THR A 161 -6.95 8.84 -4.82
N PRO A 162 -7.44 8.03 -3.89
CA PRO A 162 -8.65 8.43 -3.17
C PRO A 162 -8.51 9.82 -2.51
N THR A 163 -7.32 10.25 -2.16
CA THR A 163 -7.13 11.60 -1.64
C THR A 163 -7.01 12.64 -2.74
N PHE A 164 -6.18 12.36 -3.72
CA PHE A 164 -5.89 13.33 -4.76
C PHE A 164 -7.13 13.59 -5.57
N LEU A 165 -8.08 12.68 -5.49
CA LEU A 165 -9.23 12.72 -6.35
C LEU A 165 -10.39 13.43 -5.74
N ASN A 166 -10.50 13.40 -4.41
CA ASN A 166 -11.68 13.95 -3.77
C ASN A 166 -11.48 15.22 -2.99
N CYS A 167 -10.29 15.43 -2.46
CA CYS A 167 -10.06 16.65 -1.72
C CYS A 167 -10.64 17.88 -2.38
N GLY A 168 -11.40 18.63 -1.58
CA GLY A 168 -11.96 19.89 -2.01
C GLY A 168 -13.27 19.81 -2.76
N LYS A 169 -13.61 18.64 -3.27
CA LYS A 169 -14.84 18.51 -4.04
C LYS A 169 -16.05 18.46 -3.13
N GLN A 170 -17.20 18.88 -3.65
CA GLN A 170 -18.43 18.85 -2.86
C GLN A 170 -19.04 17.46 -2.87
N GLN A 171 -19.08 16.86 -4.06
CA GLN A 171 -19.48 15.47 -4.19
C GLN A 171 -18.21 14.61 -4.13
N ARG A 172 -17.90 14.10 -2.96
CA ARG A 172 -16.68 13.32 -2.81
C ARG A 172 -16.91 11.97 -2.15
N GLY A 173 -15.98 11.06 -2.38
CA GLY A 173 -16.00 9.77 -1.73
C GLY A 173 -15.08 9.93 -0.53
N GLU A 174 -14.83 8.86 0.23
CA GLU A 174 -13.95 8.97 1.39
C GLU A 174 -12.50 9.07 0.98
N LEU A 175 -11.71 9.66 1.86
CA LEU A 175 -10.28 9.82 1.65
C LEU A 175 -9.53 8.58 2.01
N VAL A 176 -10.13 7.77 2.87
CA VAL A 176 -9.51 6.56 3.29
C VAL A 176 -10.28 5.41 2.68
N SER A 177 -9.56 4.51 2.03
CA SER A 177 -10.28 3.41 1.40
C SER A 177 -9.57 2.09 1.51
N CYS A 178 -9.06 1.79 2.68
CA CYS A 178 -8.24 0.62 2.87
C CYS A 178 -8.43 0.16 4.28
N PHE A 179 -9.12 -0.97 4.46
CA PHE A 179 -9.47 -1.43 5.79
C PHE A 179 -9.14 -2.90 6.05
N LEU A 180 -8.87 -3.22 7.33
CA LEU A 180 -8.55 -4.57 7.78
C LEU A 180 -9.36 -4.87 9.00
N LEU A 181 -10.24 -5.86 8.91
CA LEU A 181 -11.09 -6.16 10.04
C LEU A 181 -10.86 -7.54 10.63
N ARG A 182 -11.16 -7.69 11.92
CA ARG A 182 -11.12 -8.99 12.56
C ARG A 182 -12.51 -9.57 12.59
N ILE A 183 -12.60 -10.88 12.72
CA ILE A 183 -13.86 -11.52 12.93
C ILE A 183 -13.68 -12.39 14.13
N GLU A 184 -14.62 -12.34 15.04
CA GLU A 184 -14.54 -13.15 16.22
C GLU A 184 -15.41 -14.40 16.03
N ASP A 185 -15.08 -15.47 16.75
CA ASP A 185 -15.80 -16.75 16.62
C ASP A 185 -17.18 -16.76 17.22
N ASN A 186 -18.09 -15.97 16.69
CA ASN A 186 -19.48 -15.98 17.16
C ASN A 186 -20.37 -15.21 16.18
N MET A 187 -21.67 -15.49 16.17
CA MET A 187 -22.56 -14.93 15.14
C MET A 187 -22.63 -13.42 15.13
N GLU A 188 -22.54 -12.83 16.30
CA GLU A 188 -22.60 -11.39 16.36
C GLU A 188 -21.49 -10.83 15.49
N SER A 189 -20.28 -11.26 15.77
CA SER A 189 -19.15 -10.77 15.01
C SER A 189 -19.29 -11.04 13.53
N ILE A 190 -19.79 -12.23 13.21
CA ILE A 190 -19.89 -12.58 11.81
C ILE A 190 -20.91 -11.65 11.18
N GLY A 191 -22.00 -11.42 11.88
CA GLY A 191 -23.03 -10.57 11.33
C GLY A 191 -22.45 -9.19 11.10
N ARG A 192 -21.63 -8.70 12.03
CA ARG A 192 -21.08 -7.36 11.86
C ARG A 192 -20.17 -7.29 10.68
N ALA A 193 -19.45 -8.38 10.45
CA ALA A 193 -18.44 -8.33 9.42
C ALA A 193 -19.14 -8.13 8.12
N VAL A 194 -20.20 -8.88 7.94
CA VAL A 194 -20.91 -8.81 6.70
C VAL A 194 -21.35 -7.39 6.58
N ASN A 195 -21.81 -6.84 7.68
CA ASN A 195 -22.30 -5.50 7.59
C ASN A 195 -21.18 -4.49 7.27
N SER A 196 -20.06 -4.62 7.94
CA SER A 196 -18.95 -3.74 7.66
C SER A 196 -18.56 -3.88 6.23
N ALA A 197 -18.71 -5.08 5.71
CA ALA A 197 -18.29 -5.27 4.36
C ALA A 197 -19.23 -4.48 3.48
N LEU A 198 -20.52 -4.55 3.78
CA LEU A 198 -21.47 -3.77 3.00
C LEU A 198 -21.12 -2.30 3.08
N GLN A 199 -21.11 -1.77 4.30
CA GLN A 199 -20.88 -0.36 4.50
C GLN A 199 -19.63 0.17 3.81
N LEU A 200 -18.52 -0.54 3.93
CA LEU A 200 -17.26 -0.07 3.39
C LEU A 200 -17.19 -0.19 1.91
N SER A 201 -17.59 -1.35 1.44
CA SER A 201 -17.52 -1.65 0.04
C SER A 201 -18.31 -0.58 -0.69
N LYS A 202 -19.51 -0.32 -0.19
CA LYS A 202 -20.41 0.70 -0.74
C LYS A 202 -19.79 2.07 -0.89
N ARG A 203 -18.48 2.18 -0.71
CA ARG A 203 -17.87 3.46 -1.00
C ARG A 203 -16.37 3.47 -1.11
N GLY A 204 -15.79 2.84 -2.12
CA GLY A 204 -14.35 2.78 -2.10
C GLY A 204 -13.87 1.38 -1.89
N GLY A 205 -14.46 0.69 -0.92
CA GLY A 205 -14.13 -0.71 -0.70
C GLY A 205 -12.68 -0.83 -0.35
N GLY A 206 -12.08 -1.98 -0.64
CA GLY A 206 -10.73 -2.25 -0.21
C GLY A 206 -10.82 -2.75 1.22
N VAL A 207 -11.38 -3.94 1.40
CA VAL A 207 -11.54 -4.49 2.74
C VAL A 207 -11.03 -5.92 2.90
N ALA A 208 -10.32 -6.16 4.00
CA ALA A 208 -9.81 -7.49 4.25
C ALA A 208 -10.26 -8.04 5.58
N PHE A 209 -10.65 -9.31 5.58
CA PHE A 209 -11.05 -9.96 6.81
C PHE A 209 -10.15 -11.12 7.22
N LEU A 210 -9.91 -11.19 8.53
CA LEU A 210 -9.16 -12.26 9.13
C LEU A 210 -10.14 -13.39 9.40
N LEU A 211 -9.80 -14.61 9.02
CA LEU A 211 -10.71 -15.73 9.25
C LEU A 211 -10.12 -16.72 10.26
N SER A 212 -8.86 -16.52 10.62
CA SER A 212 -8.12 -17.46 11.48
C SER A 212 -8.79 -17.81 12.80
N ASN A 213 -9.61 -16.92 13.35
CA ASN A 213 -10.21 -17.21 14.64
C ASN A 213 -11.44 -18.08 14.53
N LEU A 214 -11.95 -18.26 13.32
CA LEU A 214 -13.18 -19.01 13.18
C LEU A 214 -12.98 -20.51 13.38
N ARG A 215 -13.95 -21.14 14.05
CA ARG A 215 -13.87 -22.56 14.34
C ARG A 215 -13.92 -23.36 13.05
N GLU A 216 -13.23 -24.49 13.05
CA GLU A 216 -13.06 -25.30 11.85
C GLU A 216 -14.29 -26.08 11.50
N ALA A 217 -14.30 -26.59 10.28
CA ALA A 217 -15.39 -27.42 9.83
C ALA A 217 -15.38 -28.73 10.61
N GLY A 218 -16.40 -28.92 11.45
CA GLY A 218 -16.57 -30.11 12.25
C GLY A 218 -16.62 -29.80 13.73
N ALA A 219 -16.06 -28.66 14.12
CA ALA A 219 -16.04 -28.27 15.51
C ALA A 219 -17.46 -28.21 16.03
N PRO A 220 -17.63 -28.43 17.33
CA PRO A 220 -18.92 -28.34 17.99
C PRO A 220 -19.50 -26.95 18.10
N ILE A 221 -20.79 -26.93 18.41
CA ILE A 221 -21.55 -25.71 18.62
C ILE A 221 -22.58 -26.04 19.70
N LYS A 222 -22.62 -25.28 20.78
CA LYS A 222 -23.72 -25.40 21.74
C LYS A 222 -23.76 -26.80 22.30
N ARG A 223 -22.57 -27.35 22.41
CA ARG A 223 -22.35 -28.70 22.90
C ARG A 223 -22.65 -29.82 21.89
N ILE A 224 -23.25 -29.53 20.73
CA ILE A 224 -23.58 -30.58 19.77
C ILE A 224 -22.28 -30.96 18.99
N GLU A 225 -21.84 -32.21 19.14
CA GLU A 225 -20.52 -32.69 18.65
C GLU A 225 -20.00 -32.41 17.23
N ASN A 226 -20.85 -32.31 16.20
CA ASN A 226 -20.28 -32.09 14.88
C ASN A 226 -21.12 -31.14 14.03
N GLN A 227 -20.89 -29.85 14.24
CA GLN A 227 -21.66 -28.82 13.56
C GLN A 227 -20.76 -27.64 13.46
N SER A 228 -20.32 -27.36 12.26
CA SER A 228 -19.56 -26.19 12.02
C SER A 228 -19.33 -26.37 10.57
N SER A 229 -19.77 -25.40 9.80
CA SER A 229 -19.63 -25.50 8.38
C SER A 229 -18.25 -24.97 7.99
N GLY A 230 -17.56 -24.33 8.94
CA GLY A 230 -16.21 -23.85 8.71
C GLY A 230 -16.15 -22.41 8.27
N VAL A 231 -15.13 -22.06 7.49
CA VAL A 231 -14.97 -20.70 7.02
C VAL A 231 -15.59 -20.44 5.66
N ILE A 232 -15.67 -21.46 4.82
CA ILE A 232 -16.22 -21.31 3.49
C ILE A 232 -17.56 -20.61 3.48
N PRO A 233 -18.56 -21.14 4.17
CA PRO A 233 -19.83 -20.45 4.17
C PRO A 233 -19.64 -18.98 4.57
N VAL A 234 -18.72 -18.68 5.47
CA VAL A 234 -18.50 -17.28 5.87
C VAL A 234 -17.95 -16.48 4.69
N MET A 235 -17.03 -17.08 3.96
CA MET A 235 -16.49 -16.46 2.76
C MET A 235 -17.57 -16.22 1.70
N LYS A 236 -18.41 -17.21 1.47
CA LYS A 236 -19.43 -17.07 0.45
C LYS A 236 -20.26 -15.83 0.77
N MET A 237 -20.39 -15.60 2.06
CA MET A 237 -21.25 -14.55 2.53
C MET A 237 -20.62 -13.20 2.29
N LEU A 238 -19.31 -13.15 2.41
CA LEU A 238 -18.63 -11.90 2.23
C LEU A 238 -18.61 -11.63 0.77
N GLU A 239 -18.38 -12.70 0.04
CA GLU A 239 -18.28 -12.63 -1.40
C GLU A 239 -19.57 -12.00 -1.92
N ASP A 240 -20.65 -12.22 -1.41
CA ASP A 240 -21.96 -11.79 -1.91
C ASP A 240 -22.27 -10.41 -1.47
N ALA A 241 -21.67 -10.13 -0.32
CA ALA A 241 -21.79 -8.79 0.20
C ALA A 241 -21.10 -7.89 -0.78
N PHE A 242 -19.84 -8.18 -0.99
CA PHE A 242 -19.05 -7.38 -1.90
C PHE A 242 -19.75 -7.32 -3.24
N SER A 243 -20.17 -8.46 -3.75
CA SER A 243 -20.84 -8.43 -5.04
C SER A 243 -22.03 -7.45 -5.03
N TYR A 244 -22.99 -7.63 -4.15
CA TYR A 244 -24.14 -6.72 -4.06
C TYR A 244 -23.84 -5.22 -4.07
N ALA A 245 -22.99 -4.77 -3.16
CA ALA A 245 -22.61 -3.37 -3.10
C ALA A 245 -21.73 -3.01 -4.30
N ASN A 246 -21.98 -3.64 -5.45
CA ASN A 246 -21.13 -3.52 -6.64
C ASN A 246 -19.73 -3.00 -6.33
N GLN A 252 -17.12 -1.34 -8.12
CA GLN A 252 -16.50 -0.62 -7.00
C GLN A 252 -15.63 -1.54 -6.09
N GLY A 253 -15.78 -1.42 -4.76
CA GLY A 253 -14.97 -2.15 -3.77
C GLY A 253 -14.65 -3.64 -3.95
N ALA A 254 -13.63 -4.10 -3.22
CA ALA A 254 -13.15 -5.49 -3.26
C ALA A 254 -12.70 -6.04 -1.89
N GLY A 255 -12.72 -7.36 -1.76
CA GLY A 255 -12.43 -7.99 -0.50
C GLY A 255 -11.35 -9.05 -0.52
N ALA A 256 -10.74 -9.25 0.64
CA ALA A 256 -9.75 -10.27 0.82
C ALA A 256 -9.99 -10.99 2.15
N VAL A 257 -9.54 -12.23 2.21
CA VAL A 257 -9.60 -12.99 3.44
C VAL A 257 -8.24 -13.60 3.69
N TYR A 258 -7.85 -13.65 4.95
CA TYR A 258 -6.58 -14.22 5.32
C TYR A 258 -6.85 -15.36 6.26
N LEU A 259 -6.08 -16.44 6.11
CA LEU A 259 -6.24 -17.61 6.93
C LEU A 259 -4.88 -18.11 7.33
N HIS A 260 -4.74 -18.56 8.57
CA HIS A 260 -3.46 -19.07 9.03
C HIS A 260 -3.14 -20.42 8.42
N ALA A 261 -1.87 -20.67 8.13
CA ALA A 261 -1.49 -21.89 7.43
C ALA A 261 -1.80 -23.11 8.24
N HIS A 262 -1.67 -22.95 9.55
CA HIS A 262 -1.90 -24.04 10.47
C HIS A 262 -3.34 -24.17 10.90
N HIS A 263 -4.25 -23.72 10.07
CA HIS A 263 -5.64 -23.78 10.44
C HIS A 263 -6.24 -24.98 9.74
N PRO A 264 -7.04 -25.71 10.48
CA PRO A 264 -7.67 -26.93 9.99
C PRO A 264 -8.36 -26.80 8.65
N ASP A 265 -8.85 -25.63 8.27
CA ASP A 265 -9.50 -25.52 6.96
C ASP A 265 -8.55 -25.05 5.86
N ILE A 266 -7.27 -24.99 6.14
CA ILE A 266 -6.34 -24.46 5.17
C ILE A 266 -6.53 -25.03 3.76
N LEU A 267 -6.51 -26.35 3.63
CA LEU A 267 -6.64 -26.97 2.31
C LEU A 267 -7.93 -26.69 1.59
N ARG A 268 -9.04 -26.63 2.31
CA ARG A 268 -10.29 -26.42 1.59
C ARG A 268 -10.40 -24.95 1.31
N PHE A 269 -9.68 -24.17 2.09
CA PHE A 269 -9.63 -22.73 1.91
C PHE A 269 -8.94 -22.40 0.59
N LEU A 270 -7.83 -23.09 0.30
CA LEU A 270 -7.12 -22.89 -0.95
C LEU A 270 -7.89 -23.51 -2.11
N ASP A 271 -8.63 -24.57 -1.83
CA ASP A 271 -9.35 -25.26 -2.88
C ASP A 271 -10.43 -24.43 -3.52
N THR A 272 -10.85 -23.36 -2.84
CA THR A 272 -11.87 -22.48 -3.39
C THR A 272 -11.40 -21.80 -4.65
N LYS A 273 -10.09 -21.65 -4.79
CA LYS A 273 -9.56 -20.98 -5.96
C LYS A 273 -9.07 -21.98 -7.01
N ARG A 274 -9.73 -23.12 -7.10
CA ARG A 274 -9.41 -24.11 -8.13
C ARG A 274 -10.57 -24.15 -9.10
N GLU A 275 -10.27 -24.02 -10.39
CA GLU A 275 -11.28 -24.00 -11.45
C GLU A 275 -12.22 -25.21 -11.34
N ASN A 276 -11.58 -26.33 -11.09
CA ASN A 276 -12.17 -27.65 -11.07
C ASN A 276 -12.90 -28.11 -9.83
N ALA A 277 -13.04 -27.30 -8.79
CA ALA A 277 -13.78 -27.80 -7.65
C ALA A 277 -15.20 -27.29 -7.68
N ASP A 278 -15.95 -27.70 -6.67
CA ASP A 278 -17.37 -27.49 -6.62
C ASP A 278 -17.91 -26.08 -6.46
N GLU A 279 -19.21 -26.03 -6.25
CA GLU A 279 -20.03 -24.86 -6.53
C GLU A 279 -20.20 -24.02 -5.33
N LYS A 280 -19.95 -24.66 -4.20
CA LYS A 280 -20.19 -24.05 -2.94
C LYS A 280 -18.89 -24.10 -2.19
N ILE A 281 -17.86 -24.31 -2.97
CA ILE A 281 -16.49 -24.29 -2.57
C ILE A 281 -15.99 -23.56 -3.77
N ARG A 282 -16.46 -22.33 -3.94
CA ARG A 282 -16.09 -21.62 -5.13
C ARG A 282 -16.27 -20.14 -4.92
N ILE A 283 -15.16 -19.51 -4.61
CA ILE A 283 -15.15 -18.10 -4.36
C ILE A 283 -14.38 -17.51 -5.50
N LYS A 284 -15.09 -16.84 -6.38
CA LYS A 284 -14.48 -16.25 -7.55
C LYS A 284 -13.86 -14.87 -7.31
N THR A 285 -14.55 -13.99 -6.58
CA THR A 285 -14.06 -12.62 -6.39
C THR A 285 -13.08 -12.32 -5.27
N LEU A 286 -13.40 -12.80 -4.07
CA LEU A 286 -12.55 -12.60 -2.91
C LEU A 286 -11.11 -13.01 -3.17
N SER A 287 -10.18 -12.24 -2.64
CA SER A 287 -8.78 -12.60 -2.72
C SER A 287 -8.36 -13.36 -1.48
N LEU A 288 -7.43 -14.29 -1.68
CA LEU A 288 -6.94 -15.08 -0.58
C LEU A 288 -5.55 -14.67 -0.14
N GLY A 289 -5.32 -14.83 1.15
CA GLY A 289 -4.02 -14.57 1.71
C GLY A 289 -3.80 -15.60 2.77
N VAL A 290 -2.55 -15.99 2.95
CA VAL A 290 -2.22 -17.01 3.92
C VAL A 290 -1.09 -16.60 4.80
N VAL A 291 -1.21 -16.91 6.08
CA VAL A 291 -0.20 -16.53 7.01
C VAL A 291 0.56 -17.79 7.29
N ILE A 292 1.87 -17.70 7.19
CA ILE A 292 2.72 -18.86 7.32
C ILE A 292 3.85 -18.57 8.27
N PRO A 293 3.91 -19.30 9.37
CA PRO A 293 4.96 -19.07 10.35
C PRO A 293 6.22 -19.78 9.98
N ASP A 294 7.24 -19.61 10.80
CA ASP A 294 8.54 -20.15 10.47
C ASP A 294 8.65 -21.64 10.43
N ILE A 295 8.01 -22.30 11.37
CA ILE A 295 8.19 -23.73 11.46
C ILE A 295 7.68 -24.40 10.20
N THR A 296 6.46 -24.08 9.81
CA THR A 296 5.93 -24.80 8.69
C THR A 296 6.98 -24.90 7.58
N PHE A 297 7.97 -24.01 7.60
CA PHE A 297 9.05 -24.06 6.61
C PHE A 297 10.01 -25.16 7.02
N ARG A 298 10.31 -25.21 8.31
CA ARG A 298 11.26 -26.17 8.81
C ARG A 298 10.67 -27.56 8.63
N LEU A 299 9.39 -27.70 8.96
CA LEU A 299 8.73 -28.97 8.80
C LEU A 299 8.85 -29.43 7.37
N ALA A 300 8.66 -28.53 6.41
CA ALA A 300 8.68 -28.98 5.02
C ALA A 300 10.08 -29.32 4.62
N LYS A 301 11.04 -28.67 5.25
CA LYS A 301 12.43 -28.91 4.92
C LYS A 301 12.75 -30.36 5.20
N GLU A 302 12.37 -30.80 6.40
CA GLU A 302 12.62 -32.17 6.87
C GLU A 302 11.43 -33.09 6.57
N ASN A 303 10.72 -32.81 5.48
CA ASN A 303 9.56 -33.59 5.03
C ASN A 303 8.64 -34.10 6.14
N ALA A 304 8.34 -33.30 7.13
CA ALA A 304 7.49 -33.82 8.18
C ALA A 304 6.04 -33.51 7.90
N GLN A 305 5.22 -33.82 8.89
CA GLN A 305 3.80 -33.55 8.82
C GLN A 305 3.52 -32.22 9.46
N MET A 306 2.46 -31.60 8.97
CA MET A 306 2.04 -30.31 9.48
C MET A 306 0.89 -30.53 10.42
N ALA A 307 1.03 -30.02 11.63
CA ALA A 307 -0.04 -30.11 12.60
C ALA A 307 -1.02 -28.93 12.49
N LEU A 308 -2.29 -29.22 12.20
CA LEU A 308 -3.33 -28.17 12.20
C LEU A 308 -4.11 -28.22 13.49
N PHE A 309 -4.05 -27.13 14.25
CA PHE A 309 -4.73 -27.03 15.54
C PHE A 309 -6.13 -26.45 15.46
N SER A 310 -7.00 -26.91 16.35
CA SER A 310 -8.37 -26.41 16.39
C SER A 310 -8.46 -25.10 17.13
N PRO A 311 -8.93 -24.09 16.44
CA PRO A 311 -9.15 -22.78 17.04
C PRO A 311 -10.22 -22.87 18.11
N TYR A 312 -11.14 -23.81 17.96
CA TYR A 312 -12.17 -23.97 18.97
C TYR A 312 -11.53 -24.40 20.27
N ASP A 313 -10.72 -25.44 20.22
CA ASP A 313 -10.14 -25.98 21.43
C ASP A 313 -9.18 -24.94 22.01
N ILE A 314 -8.40 -24.31 21.14
CA ILE A 314 -7.37 -23.39 21.60
C ILE A 314 -7.93 -22.25 22.41
N GLN A 315 -9.12 -21.82 22.03
CA GLN A 315 -9.80 -20.74 22.71
C GLN A 315 -10.15 -21.17 24.13
N ARG A 316 -10.89 -22.27 24.25
CA ARG A 316 -11.33 -22.76 25.55
C ARG A 316 -10.15 -23.06 26.46
N ARG A 317 -9.03 -23.47 25.88
CA ARG A 317 -7.86 -23.86 26.67
C ARG A 317 -6.80 -22.79 26.90
N TYR A 318 -6.90 -21.63 26.25
CA TYR A 318 -5.94 -20.56 26.52
C TYR A 318 -6.60 -19.19 26.67
N GLY A 319 -7.91 -19.13 26.46
CA GLY A 319 -8.64 -17.88 26.61
C GLY A 319 -8.33 -16.85 25.54
N LYS A 320 -7.64 -17.31 24.49
CA LYS A 320 -7.26 -16.46 23.38
C LYS A 320 -7.59 -17.19 22.10
N PRO A 321 -8.12 -16.47 21.13
CA PRO A 321 -8.32 -17.01 19.78
C PRO A 321 -7.08 -17.45 19.07
N PHE A 322 -7.29 -18.35 18.14
CA PHE A 322 -6.21 -18.93 17.38
C PHE A 322 -5.29 -17.83 16.93
N GLY A 323 -5.87 -16.76 16.42
CA GLY A 323 -5.08 -15.68 15.84
C GLY A 323 -4.37 -14.74 16.78
N ASP A 324 -4.43 -15.00 18.08
CA ASP A 324 -3.76 -14.11 19.02
C ASP A 324 -2.62 -14.81 19.72
N ILE A 325 -2.33 -16.04 19.31
CA ILE A 325 -1.25 -16.81 19.90
C ILE A 325 -0.14 -17.06 18.90
N ALA A 326 1.02 -17.41 19.44
CA ALA A 326 2.18 -17.68 18.62
C ALA A 326 2.36 -19.16 18.30
N ILE A 327 1.73 -19.60 17.21
CA ILE A 327 1.84 -20.98 16.77
C ILE A 327 3.27 -21.50 16.80
N SER A 328 4.18 -20.84 16.12
CA SER A 328 5.57 -21.29 16.12
C SER A 328 6.13 -21.42 17.53
N GLU A 329 5.92 -20.43 18.37
CA GLU A 329 6.48 -20.50 19.71
C GLU A 329 5.91 -21.68 20.47
N ARG A 330 4.61 -21.90 20.34
CA ARG A 330 3.96 -22.96 21.08
C ARG A 330 3.64 -24.18 20.23
N TYR A 331 4.44 -24.42 19.19
CA TYR A 331 4.12 -25.50 18.29
C TYR A 331 4.16 -26.84 19.04
N ASP A 332 5.24 -27.07 19.76
CA ASP A 332 5.42 -28.31 20.53
C ASP A 332 4.40 -28.39 21.68
N GLU A 333 4.38 -27.35 22.51
CA GLU A 333 3.48 -27.28 23.65
C GLU A 333 2.08 -27.62 23.20
N LEU A 334 1.72 -27.15 22.02
CA LEU A 334 0.38 -27.37 21.53
C LEU A 334 0.19 -28.79 21.09
N ILE A 335 1.20 -29.37 20.46
CA ILE A 335 1.07 -30.75 20.03
C ILE A 335 0.93 -31.70 21.21
N ALA A 336 1.67 -31.43 22.29
CA ALA A 336 1.61 -32.25 23.49
C ALA A 336 0.28 -32.14 24.25
N ASP A 337 -0.40 -31.00 24.15
CA ASP A 337 -1.67 -30.80 24.85
C ASP A 337 -2.82 -31.61 24.24
N PRO A 338 -3.29 -32.61 24.99
CA PRO A 338 -4.36 -33.52 24.53
C PRO A 338 -5.71 -32.87 24.33
N HIS A 339 -5.87 -31.68 24.89
CA HIS A 339 -7.13 -30.95 24.83
C HIS A 339 -7.33 -30.25 23.51
N VAL A 340 -6.23 -30.09 22.78
CA VAL A 340 -6.30 -29.47 21.50
C VAL A 340 -6.35 -30.52 20.40
N ARG A 341 -7.48 -30.61 19.71
CA ARG A 341 -7.60 -31.57 18.62
C ARG A 341 -6.60 -31.16 17.57
N LYS A 342 -5.97 -32.14 16.94
CA LYS A 342 -4.94 -31.85 15.95
C LYS A 342 -5.13 -32.72 14.74
N THR A 343 -5.21 -32.11 13.58
CA THR A 343 -5.30 -32.88 12.37
C THR A 343 -3.97 -32.67 11.65
N TYR A 344 -3.60 -33.57 10.73
CA TYR A 344 -2.32 -33.44 10.06
C TYR A 344 -2.40 -33.50 8.53
N ILE A 345 -1.43 -32.86 7.88
CA ILE A 345 -1.29 -32.86 6.42
C ILE A 345 0.19 -32.76 6.14
N ASN A 346 0.59 -32.88 4.88
CA ASN A 346 2.02 -32.83 4.57
C ASN A 346 2.56 -31.45 4.23
N ALA A 347 3.47 -30.96 5.07
CA ALA A 347 4.06 -29.65 4.88
C ALA A 347 4.41 -29.43 3.41
N ARG A 348 5.30 -30.25 2.88
CA ARG A 348 5.71 -30.10 1.49
C ARG A 348 4.51 -30.07 0.56
N ASP A 349 3.47 -30.81 0.91
CA ASP A 349 2.31 -30.85 0.04
C ASP A 349 1.56 -29.55 0.14
N PHE A 350 1.73 -28.87 1.27
CA PHE A 350 1.05 -27.62 1.50
C PHE A 350 1.64 -26.63 0.51
N PHE A 351 2.96 -26.47 0.59
CA PHE A 351 3.65 -25.57 -0.30
C PHE A 351 3.44 -25.97 -1.76
N GLN A 352 3.26 -27.25 -2.00
CA GLN A 352 2.98 -27.69 -3.36
C GLN A 352 1.67 -27.10 -3.85
N THR A 353 0.58 -27.26 -3.09
CA THR A 353 -0.70 -26.84 -3.62
C THR A 353 -0.69 -25.34 -3.62
N LEU A 354 0.09 -24.77 -2.71
CA LEU A 354 0.17 -23.34 -2.66
C LEU A 354 0.63 -22.83 -4.00
N ALA A 355 1.79 -23.31 -4.43
CA ALA A 355 2.37 -22.82 -5.66
C ALA A 355 1.46 -23.10 -6.83
N GLU A 356 0.71 -24.19 -6.74
CA GLU A 356 -0.11 -24.58 -7.86
C GLU A 356 -1.21 -23.56 -8.02
N ILE A 357 -1.82 -23.17 -6.90
CA ILE A 357 -2.92 -22.21 -6.96
C ILE A 357 -2.41 -20.87 -7.46
N GLN A 358 -1.29 -20.43 -6.90
CA GLN A 358 -0.72 -19.15 -7.25
C GLN A 358 -0.46 -19.19 -8.70
N PHE A 359 0.05 -20.33 -9.07
CA PHE A 359 0.40 -20.52 -10.42
C PHE A 359 -0.75 -20.12 -11.32
N GLU A 360 -1.95 -20.62 -11.05
CA GLU A 360 -3.11 -20.34 -11.90
C GLU A 360 -3.80 -18.98 -11.67
N SER A 361 -3.87 -18.52 -10.43
CA SER A 361 -4.60 -17.29 -10.14
C SER A 361 -3.75 -16.11 -9.76
N GLY A 362 -2.56 -16.36 -9.26
CA GLY A 362 -1.69 -15.26 -8.93
C GLY A 362 -1.68 -15.21 -7.44
N TYR A 363 -2.66 -15.86 -6.81
CA TYR A 363 -2.68 -15.91 -5.36
C TYR A 363 -2.37 -17.25 -4.80
N PRO A 364 -2.25 -17.36 -3.48
CA PRO A 364 -2.29 -16.33 -2.45
C PRO A 364 -1.12 -15.47 -2.20
N TYR A 365 -1.42 -14.60 -1.24
CA TYR A 365 -0.49 -13.67 -0.69
C TYR A 365 0.10 -14.41 0.44
N ILE A 366 1.23 -13.93 0.89
CA ILE A 366 1.89 -14.59 1.97
C ILE A 366 2.26 -13.52 2.95
N MET A 367 2.03 -13.82 4.20
CA MET A 367 2.39 -12.94 5.27
C MET A 367 3.27 -13.78 6.19
N PHE A 368 4.59 -13.46 6.24
CA PHE A 368 5.55 -14.21 7.06
C PHE A 368 5.56 -13.80 8.52
N GLU A 369 4.52 -14.30 9.15
CA GLU A 369 4.15 -14.07 10.54
C GLU A 369 5.27 -13.94 11.54
N ASP A 370 6.30 -14.79 11.50
CA ASP A 370 7.36 -14.60 12.48
C ASP A 370 8.25 -13.44 12.08
N THR A 371 8.51 -13.30 10.80
CA THR A 371 9.35 -12.22 10.35
C THR A 371 8.74 -10.87 10.72
N VAL A 372 7.44 -10.78 10.54
CA VAL A 372 6.72 -9.56 10.78
C VAL A 372 6.66 -9.22 12.25
N ASN A 373 6.26 -10.16 13.08
CA ASN A 373 6.17 -9.89 14.51
C ASN A 373 7.52 -9.63 15.13
N ARG A 374 8.55 -10.21 14.54
CA ARG A 374 9.88 -10.06 15.05
C ARG A 374 10.37 -8.65 14.77
N ALA A 375 9.83 -8.02 13.73
CA ALA A 375 10.20 -6.65 13.39
C ALA A 375 9.24 -5.65 14.00
N ASN A 376 8.03 -6.10 14.30
CA ASN A 376 7.00 -5.21 14.80
C ASN A 376 7.33 -4.56 16.11
N PRO A 377 7.53 -3.25 16.05
CA PRO A 377 7.85 -2.46 17.23
C PRO A 377 6.67 -2.17 18.13
N ILE A 378 5.46 -2.44 17.66
CA ILE A 378 4.30 -2.13 18.48
C ILE A 378 3.85 -3.29 19.33
N ALA A 379 3.42 -2.99 20.54
CA ALA A 379 3.01 -4.06 21.44
C ALA A 379 1.85 -4.82 20.85
N GLY A 380 1.96 -6.14 20.81
CA GLY A 380 0.86 -6.94 20.31
C GLY A 380 1.32 -7.76 19.12
N ARG A 381 0.41 -8.53 18.53
CA ARG A 381 0.78 -9.38 17.41
C ARG A 381 0.07 -8.94 16.14
N ILE A 382 0.61 -9.39 15.01
CA ILE A 382 0.06 -9.05 13.73
C ILE A 382 -0.37 -10.33 13.06
N ASN A 383 -1.68 -10.42 12.81
CA ASN A 383 -2.29 -11.63 12.31
C ASN A 383 -2.91 -11.57 10.91
N MET A 384 -2.85 -10.43 10.24
CA MET A 384 -3.42 -10.36 8.90
C MET A 384 -2.79 -9.31 8.04
N SER A 385 -3.45 -9.00 6.95
CA SER A 385 -2.92 -7.98 6.07
C SER A 385 -4.00 -7.45 5.16
N ASN A 386 -3.64 -6.49 4.33
CA ASN A 386 -4.65 -5.87 3.51
C ASN A 386 -4.67 -6.46 2.16
N LEU A 387 -5.53 -5.87 1.37
CA LEU A 387 -5.81 -6.31 0.06
C LEU A 387 -4.59 -6.27 -0.87
N CYS A 388 -3.60 -5.45 -0.54
CA CYS A 388 -2.36 -5.35 -1.31
C CYS A 388 -1.16 -5.88 -0.53
N SER A 389 -1.43 -6.52 0.58
CA SER A 389 -0.39 -7.12 1.41
C SER A 389 0.73 -6.19 1.84
N GLU A 390 0.44 -4.89 1.94
CA GLU A 390 1.41 -3.87 2.34
C GLU A 390 1.19 -3.38 3.76
N ILE A 391 -0.05 -3.42 4.22
CA ILE A 391 -0.34 -3.00 5.58
C ILE A 391 -0.08 -4.08 6.63
N LEU A 392 0.56 -3.68 7.72
CA LEU A 392 0.87 -4.59 8.80
C LEU A 392 0.88 -3.83 10.11
N GLN A 393 -0.20 -4.01 10.87
CA GLN A 393 -0.35 -3.36 12.15
C GLN A 393 -1.02 -4.31 13.12
N VAL A 394 -1.14 -3.91 14.37
CA VAL A 394 -1.84 -4.76 15.31
C VAL A 394 -3.29 -4.37 15.38
N ASN A 395 -4.12 -5.32 15.82
CA ASN A 395 -5.53 -5.08 15.98
C ASN A 395 -5.97 -5.68 17.30
N SER A 396 -7.22 -5.46 17.69
CA SER A 396 -7.74 -6.01 18.94
C SER A 396 -9.23 -6.31 18.81
N ALA A 397 -9.70 -7.37 19.46
CA ALA A 397 -11.09 -7.79 19.30
C ALA A 397 -12.15 -6.81 19.81
N SER A 398 -13.36 -7.00 19.34
CA SER A 398 -14.52 -6.23 19.75
C SER A 398 -15.52 -7.20 20.32
N ARG A 399 -16.39 -6.69 21.17
CA ARG A 399 -17.37 -7.54 21.82
C ARG A 399 -18.75 -6.94 21.64
N TYR A 400 -19.71 -7.77 21.24
CA TYR A 400 -21.02 -7.23 20.91
C TYR A 400 -22.10 -7.77 21.80
N ASP A 401 -23.16 -6.97 21.90
CA ASP A 401 -24.34 -7.35 22.63
C ASP A 401 -25.21 -8.14 21.68
N ASP A 402 -26.15 -8.88 22.22
CA ASP A 402 -27.03 -9.67 21.38
C ASP A 402 -27.70 -8.87 20.25
N ASN A 403 -28.10 -7.65 20.55
CA ASN A 403 -28.79 -6.81 19.57
C ASN A 403 -27.80 -6.20 18.59
N LEU A 404 -26.58 -6.69 18.63
CA LEU A 404 -25.51 -6.24 17.73
C LEU A 404 -24.91 -4.92 18.14
N ASP A 405 -25.23 -4.44 19.32
CA ASP A 405 -24.65 -3.21 19.78
C ASP A 405 -23.28 -3.53 20.34
N TYR A 406 -22.36 -2.61 20.15
CA TYR A 406 -21.02 -2.83 20.64
C TYR A 406 -21.03 -2.76 22.15
N THR A 407 -20.29 -3.67 22.76
CA THR A 407 -20.19 -3.76 24.19
C THR A 407 -18.82 -3.24 24.54
N HIS A 408 -17.85 -3.60 23.72
CA HIS A 408 -16.50 -3.11 23.85
C HIS A 408 -15.95 -2.87 22.47
N ILE A 409 -15.54 -1.65 22.18
CA ILE A 409 -15.03 -1.37 20.86
C ILE A 409 -13.57 -1.66 20.73
N GLY A 410 -13.25 -2.67 19.91
CA GLY A 410 -11.89 -3.08 19.69
C GLY A 410 -11.24 -2.12 18.73
N HIS A 411 -10.11 -2.52 18.17
CA HIS A 411 -9.38 -1.66 17.28
C HIS A 411 -9.07 -2.40 16.04
N ASP A 412 -9.65 -1.94 14.95
CA ASP A 412 -9.36 -2.52 13.68
C ASP A 412 -8.40 -1.59 12.94
N ILE A 413 -8.11 -1.84 11.66
CA ILE A 413 -7.10 -1.09 10.97
C ILE A 413 -7.54 -0.45 9.68
N SER A 414 -7.01 0.74 9.42
CA SER A 414 -7.31 1.50 8.24
C SER A 414 -6.07 2.34 8.05
N CYS A 415 -5.81 2.84 6.87
CA CYS A 415 -4.58 3.58 6.66
C CYS A 415 -4.69 4.39 5.40
N ASN A 416 -4.09 5.58 5.36
CA ASN A 416 -4.06 6.29 4.09
C ASN A 416 -2.66 6.39 3.57
N LEU A 417 -2.55 6.41 2.26
CA LEU A 417 -1.24 6.33 1.69
C LEU A 417 -0.87 7.43 0.77
N GLY A 418 0.43 7.56 0.64
CA GLY A 418 1.00 8.51 -0.26
C GLY A 418 2.43 8.12 -0.39
N SER A 419 3.03 8.44 -1.52
CA SER A 419 4.42 8.12 -1.70
C SER A 419 5.14 9.23 -2.45
N LEU A 420 6.44 9.33 -2.23
CA LEU A 420 7.24 10.36 -2.88
C LEU A 420 8.26 9.85 -3.92
N ASN A 421 8.28 10.47 -5.10
CA ASN A 421 9.17 10.12 -6.21
C ASN A 421 10.65 10.27 -5.87
N ILE A 422 11.31 9.14 -5.70
CA ILE A 422 12.69 9.10 -5.22
C ILE A 422 13.58 10.01 -6.01
N ALA A 423 13.44 9.99 -7.32
CA ALA A 423 14.34 10.76 -8.14
C ALA A 423 14.26 12.20 -7.75
N HIS A 424 13.05 12.72 -7.75
CA HIS A 424 12.83 14.12 -7.49
C HIS A 424 13.31 14.45 -6.11
N VAL A 425 13.22 13.48 -5.21
CA VAL A 425 13.65 13.73 -3.86
C VAL A 425 15.14 13.93 -3.87
N MET A 426 15.84 13.05 -4.59
CA MET A 426 17.29 13.17 -4.64
C MET A 426 17.67 14.45 -5.39
N ASP A 427 16.77 15.01 -6.17
CA ASP A 427 17.09 16.27 -6.85
C ASP A 427 16.78 17.49 -5.97
N SER A 428 16.66 17.31 -4.66
CA SER A 428 16.43 18.45 -3.79
C SER A 428 17.16 18.30 -2.49
N PRO A 429 17.96 19.29 -2.14
CA PRO A 429 18.74 19.16 -0.91
C PRO A 429 17.93 19.02 0.39
N ASP A 430 16.77 19.68 0.52
CA ASP A 430 16.08 19.68 1.82
C ASP A 430 15.13 18.53 1.96
N ILE A 431 15.71 17.37 2.16
CA ILE A 431 14.93 16.16 2.18
C ILE A 431 14.05 16.22 3.40
N GLY A 432 14.60 16.76 4.48
CA GLY A 432 13.90 16.77 5.75
C GLY A 432 12.54 17.43 5.62
N ARG A 433 12.49 18.51 4.83
CA ARG A 433 11.26 19.25 4.60
C ARG A 433 10.34 18.38 3.78
N THR A 434 10.91 17.77 2.74
CA THR A 434 10.16 16.90 1.85
C THR A 434 9.46 15.79 2.61
N VAL A 435 10.16 15.20 3.57
CA VAL A 435 9.56 14.11 4.31
C VAL A 435 8.54 14.62 5.34
N GLU A 436 8.89 15.67 6.05
CA GLU A 436 8.01 16.26 7.08
C GLU A 436 6.66 16.68 6.53
N THR A 437 6.68 17.19 5.30
CA THR A 437 5.47 17.68 4.67
C THR A 437 4.52 16.56 4.32
N ALA A 438 5.05 15.53 3.67
CA ALA A 438 4.23 14.40 3.27
C ALA A 438 3.61 13.78 4.51
N ILE A 439 4.43 13.59 5.54
CA ILE A 439 3.98 13.00 6.79
C ILE A 439 2.91 13.82 7.45
N ARG A 440 3.09 15.13 7.42
CA ARG A 440 2.11 16.03 7.96
C ARG A 440 0.81 15.88 7.17
N GLY A 441 0.92 15.84 5.85
CA GLY A 441 -0.25 15.75 5.00
C GLY A 441 -1.00 14.45 5.18
N LEU A 442 -0.29 13.34 5.22
CA LEU A 442 -0.97 12.07 5.41
C LEU A 442 -1.56 12.02 6.80
N THR A 443 -0.88 12.65 7.76
CA THR A 443 -1.37 12.64 9.12
C THR A 443 -2.70 13.37 9.18
N ALA A 444 -2.79 14.43 8.39
CA ALA A 444 -4.01 15.17 8.36
C ALA A 444 -5.08 14.30 7.77
N VAL A 445 -4.68 13.35 6.94
CA VAL A 445 -5.71 12.57 6.33
C VAL A 445 -6.29 11.74 7.45
N SER A 446 -5.44 11.25 8.33
CA SER A 446 -5.97 10.37 9.33
C SER A 446 -6.80 11.16 10.31
N ASP A 447 -6.29 12.29 10.74
CA ASP A 447 -6.99 13.10 11.71
C ASP A 447 -8.40 13.40 11.22
N MET A 448 -8.56 13.65 9.92
CA MET A 448 -9.86 14.05 9.41
C MET A 448 -10.79 12.86 9.17
N SER A 449 -10.27 11.64 9.28
CA SER A 449 -11.06 10.45 9.06
C SER A 449 -11.96 10.10 10.24
N HIS A 450 -13.24 9.85 9.95
CA HIS A 450 -14.24 9.45 10.95
C HIS A 450 -15.22 8.48 10.33
N ILE A 451 -14.82 7.22 10.19
CA ILE A 451 -15.65 6.20 9.58
C ILE A 451 -16.63 5.64 10.57
N ARG A 452 -17.65 6.40 10.91
CA ARG A 452 -18.57 5.99 11.95
C ARG A 452 -19.38 4.73 11.75
N SER A 453 -19.50 4.28 10.52
CA SER A 453 -20.28 3.09 10.24
C SER A 453 -19.57 1.84 10.76
N VAL A 454 -18.32 1.98 11.15
CA VAL A 454 -17.61 0.86 11.72
C VAL A 454 -16.77 1.34 12.91
N PRO A 455 -17.42 1.48 14.06
CA PRO A 455 -16.75 1.98 15.26
C PRO A 455 -15.33 1.50 15.46
N SER A 456 -15.07 0.20 15.38
CA SER A 456 -13.70 -0.26 15.58
C SER A 456 -12.73 0.43 14.65
N ILE A 457 -13.11 0.63 13.39
CA ILE A 457 -12.23 1.28 12.43
C ILE A 457 -11.94 2.69 12.92
N ALA A 458 -12.99 3.35 13.36
CA ALA A 458 -12.83 4.71 13.79
C ALA A 458 -12.01 4.76 15.05
N ALA A 459 -12.42 4.00 16.04
CA ALA A 459 -11.67 3.95 17.28
C ALA A 459 -10.19 3.71 16.97
N GLY A 460 -9.92 2.81 16.04
CA GLY A 460 -8.55 2.40 15.79
C GLY A 460 -7.70 3.51 15.24
N ASN A 461 -8.29 4.24 14.32
CA ASN A 461 -7.61 5.32 13.70
C ASN A 461 -7.33 6.39 14.70
N ALA A 462 -8.27 6.57 15.61
CA ALA A 462 -8.15 7.61 16.61
C ALA A 462 -7.06 7.28 17.61
N ALA A 463 -6.80 6.01 17.83
CA ALA A 463 -5.82 5.64 18.83
C ALA A 463 -4.44 5.47 18.26
N SER A 464 -4.33 5.36 16.95
CA SER A 464 -3.02 5.10 16.40
C SER A 464 -2.48 6.15 15.42
N HIS A 465 -3.37 6.78 14.68
CA HIS A 465 -2.95 7.74 13.67
C HIS A 465 -1.96 7.11 12.70
N ALA A 466 -2.15 5.85 12.38
CA ALA A 466 -1.25 5.19 11.46
C ALA A 466 -1.38 5.78 10.07
N ILE A 467 -0.24 5.99 9.43
CA ILE A 467 -0.23 6.41 8.06
C ILE A 467 0.74 5.53 7.30
N GLY A 468 0.76 5.64 5.96
CA GLY A 468 1.69 4.88 5.15
C GLY A 468 2.37 5.67 4.06
N LEU A 469 3.60 6.11 4.32
CA LEU A 469 4.36 6.88 3.36
C LEU A 469 5.22 5.93 2.54
N GLY A 470 5.01 5.89 1.22
CA GLY A 470 5.71 4.95 0.36
C GLY A 470 6.69 5.56 -0.62
N GLN A 471 7.32 4.72 -1.43
CA GLN A 471 8.29 5.25 -2.38
C GLN A 471 7.99 4.77 -3.77
N MET A 472 8.48 5.49 -4.77
CA MET A 472 8.34 5.00 -6.11
C MET A 472 9.39 5.64 -6.99
N ASN A 473 9.52 5.12 -8.20
CA ASN A 473 10.43 5.63 -9.19
C ASN A 473 11.86 5.22 -8.94
N LEU A 474 12.02 4.16 -8.17
CA LEU A 474 13.33 3.69 -7.85
C LEU A 474 14.07 3.22 -9.08
N HIS A 475 13.43 2.37 -9.87
CA HIS A 475 14.08 1.90 -11.08
C HIS A 475 14.40 3.09 -11.98
N GLY A 476 13.41 3.96 -12.17
CA GLY A 476 13.59 5.14 -12.98
C GLY A 476 14.79 5.94 -12.53
N TYR A 477 14.90 6.11 -11.22
CA TYR A 477 16.05 6.82 -10.68
C TYR A 477 17.34 6.09 -11.01
N LEU A 478 17.45 4.84 -10.57
CA LEU A 478 18.66 4.07 -10.78
C LEU A 478 19.06 4.14 -12.23
N ALA A 479 18.11 3.98 -13.12
CA ALA A 479 18.46 4.00 -14.53
C ALA A 479 19.16 5.27 -14.89
N ARG A 480 18.54 6.38 -14.52
CA ARG A 480 18.99 7.70 -14.92
C ARG A 480 20.44 7.85 -14.54
N GLU A 481 20.74 7.52 -13.29
CA GLU A 481 22.09 7.62 -12.78
C GLU A 481 22.99 6.46 -13.24
N GLY A 482 22.57 5.75 -14.29
CA GLY A 482 23.35 4.64 -14.81
C GLY A 482 23.70 3.48 -13.88
N ILE A 483 22.76 3.05 -13.05
CA ILE A 483 22.97 1.90 -12.17
C ILE A 483 22.02 0.78 -12.54
N ALA A 484 22.51 -0.44 -12.64
CA ALA A 484 21.64 -1.52 -13.10
C ALA A 484 20.82 -2.02 -11.94
N TYR A 485 19.57 -2.32 -12.22
CA TYR A 485 18.68 -2.75 -11.17
C TYR A 485 19.24 -4.05 -10.63
N GLY A 486 19.34 -4.13 -9.31
CA GLY A 486 19.70 -5.37 -8.66
C GLY A 486 21.16 -5.45 -8.29
N SER A 487 21.94 -4.62 -8.95
CA SER A 487 23.37 -4.58 -8.74
C SER A 487 23.71 -4.15 -7.33
N PRO A 488 24.95 -4.39 -6.91
CA PRO A 488 25.40 -4.00 -5.58
C PRO A 488 25.26 -2.52 -5.28
N GLU A 489 25.41 -1.66 -6.28
CA GLU A 489 25.27 -0.23 -6.06
C GLU A 489 23.81 0.05 -5.72
N ALA A 490 22.89 -0.47 -6.54
CA ALA A 490 21.45 -0.35 -6.31
C ALA A 490 21.05 -0.79 -4.93
N LEU A 491 21.57 -1.94 -4.53
CA LEU A 491 21.27 -2.49 -3.24
C LEU A 491 21.78 -1.53 -2.14
N ASP A 492 22.85 -0.83 -2.45
CA ASP A 492 23.44 0.06 -1.47
C ASP A 492 22.65 1.36 -1.39
N PHE A 493 22.26 1.91 -2.53
CA PHE A 493 21.41 3.08 -2.50
C PHE A 493 20.16 2.76 -1.72
N THR A 494 19.44 1.74 -2.19
CA THR A 494 18.17 1.37 -1.61
C THR A 494 18.26 1.40 -0.12
N ASN A 495 19.26 0.71 0.42
CA ASN A 495 19.40 0.65 1.85
C ASN A 495 19.60 1.99 2.55
N LEU A 496 20.54 2.78 2.02
CA LEU A 496 20.86 4.08 2.62
C LEU A 496 19.71 5.06 2.46
N TYR A 497 19.09 5.06 1.29
CA TYR A 497 17.97 5.96 1.02
C TYR A 497 16.84 5.71 2.01
N PHE A 498 16.42 4.46 2.16
CA PHE A 498 15.41 4.12 3.15
C PHE A 498 15.90 4.39 4.57
N TYR A 499 17.21 4.31 4.77
CA TYR A 499 17.82 4.53 6.07
C TYR A 499 17.51 5.96 6.42
N THR A 500 17.55 6.77 5.39
CA THR A 500 17.40 8.19 5.58
C THR A 500 15.96 8.61 5.81
N ILE A 501 15.13 8.32 4.83
CA ILE A 501 13.72 8.63 4.90
C ILE A 501 13.26 8.25 6.29
N THR A 502 13.65 7.07 6.73
CA THR A 502 13.16 6.63 8.04
C THR A 502 13.49 7.62 9.10
N TRP A 503 14.75 8.05 9.14
CA TRP A 503 15.16 9.02 10.15
C TRP A 503 14.24 10.21 10.19
N HIS A 504 14.10 10.87 9.05
CA HIS A 504 13.30 12.09 9.00
C HIS A 504 11.85 11.87 9.35
N ALA A 505 11.40 10.63 9.31
CA ALA A 505 10.01 10.41 9.57
C ALA A 505 9.79 10.28 11.05
N VAL A 506 10.56 9.41 11.67
CA VAL A 506 10.41 9.25 13.11
C VAL A 506 10.63 10.60 13.71
N HIS A 507 11.58 11.35 13.15
CA HIS A 507 11.82 12.69 13.64
C HIS A 507 10.56 13.54 13.54
N THR A 508 9.98 13.59 12.35
CA THR A 508 8.76 14.35 12.12
C THR A 508 7.63 13.94 13.06
N SER A 509 7.45 12.63 13.23
CA SER A 509 6.37 12.13 14.04
C SER A 509 6.64 12.48 15.50
N MET A 510 7.93 12.59 15.83
CA MET A 510 8.32 12.89 17.20
C MET A 510 7.90 14.30 17.43
N ARG A 511 8.23 15.12 16.46
CA ARG A 511 7.92 16.51 16.57
C ARG A 511 6.42 16.68 16.75
N LEU A 512 5.66 15.97 15.93
CA LEU A 512 4.22 16.11 15.96
C LEU A 512 3.71 15.86 17.34
N ALA A 513 4.30 14.87 18.00
CA ALA A 513 3.90 14.50 19.34
C ALA A 513 4.08 15.67 20.30
N ARG A 514 5.09 16.50 20.04
CA ARG A 514 5.29 17.65 20.89
C ARG A 514 4.23 18.69 20.60
N GLU A 515 4.05 18.99 19.34
CA GLU A 515 3.09 20.01 18.96
C GLU A 515 1.68 19.69 19.45
N ARG A 516 1.22 18.45 19.25
CA ARG A 516 -0.16 18.11 19.64
C ARG A 516 -0.21 17.70 21.10
N GLY A 517 0.96 17.49 21.68
CA GLY A 517 1.04 17.13 23.09
C GLY A 517 0.35 15.82 23.38
N LYS A 518 0.61 14.82 22.55
CA LYS A 518 0.02 13.51 22.72
C LYS A 518 0.64 12.52 21.76
N THR A 519 0.70 11.26 22.18
CA THR A 519 1.31 10.24 21.37
C THR A 519 0.25 9.22 21.03
N PHE A 520 0.62 8.27 20.19
CA PHE A 520 -0.32 7.22 19.82
C PHE A 520 -0.58 6.30 20.99
N ALA A 521 -1.81 5.84 21.10
CA ALA A 521 -2.18 4.98 22.20
C ALA A 521 -1.25 3.78 22.25
N GLY A 522 -0.84 3.42 23.45
CA GLY A 522 0.02 2.27 23.64
C GLY A 522 1.49 2.59 23.48
N PHE A 523 1.85 3.83 23.16
CA PHE A 523 3.24 4.19 22.99
C PHE A 523 4.12 3.60 24.10
N ALA A 524 3.69 3.79 25.34
CA ALA A 524 4.41 3.30 26.51
C ALA A 524 4.83 1.84 26.44
N GLN A 525 3.97 0.96 25.95
CA GLN A 525 4.34 -0.45 25.86
C GLN A 525 5.14 -0.72 24.60
N SER A 526 5.37 0.29 23.78
CA SER A 526 6.06 0.05 22.54
C SER A 526 7.54 0.00 22.69
N ARG A 527 8.15 -0.26 21.56
CA ARG A 527 9.57 -0.47 21.50
C ARG A 527 10.25 0.88 21.37
N TYR A 528 9.49 1.86 20.90
CA TYR A 528 10.01 3.19 20.72
C TYR A 528 10.28 3.77 22.08
N ALA A 529 9.40 3.44 23.02
CA ALA A 529 9.48 3.99 24.36
C ALA A 529 10.73 3.50 25.09
N SER A 530 11.00 2.20 24.97
CA SER A 530 12.13 1.60 25.65
C SER A 530 13.43 2.01 24.96
N GLY A 531 13.36 2.24 23.67
CA GLY A 531 14.56 2.58 22.92
C GLY A 531 15.07 1.44 22.08
N ASP A 532 14.51 0.23 22.24
CA ASP A 532 15.02 -0.91 21.47
C ASP A 532 14.93 -0.70 19.96
N TYR A 533 13.96 0.12 19.52
CA TYR A 533 13.79 0.33 18.09
C TYR A 533 15.06 0.82 17.44
N PHE A 534 15.80 1.65 18.18
CA PHE A 534 17.03 2.25 17.69
C PHE A 534 18.30 1.38 17.78
N THR A 535 18.32 0.31 18.59
CA THR A 535 19.54 -0.49 18.71
C THR A 535 20.13 -0.72 17.35
N GLN A 536 19.28 -1.00 16.38
CA GLN A 536 19.74 -1.35 15.05
C GLN A 536 20.55 -0.25 14.41
N TYR A 537 20.12 0.99 14.62
CA TYR A 537 20.75 2.13 13.98
C TYR A 537 21.90 2.69 14.80
N LEU A 538 22.17 2.10 15.96
CA LEU A 538 23.26 2.56 16.80
C LEU A 538 24.47 1.66 16.65
N GLN A 539 24.25 0.51 16.01
CA GLN A 539 25.32 -0.43 15.69
C GLN A 539 25.71 0.11 14.31
N ASP A 540 26.75 -0.41 13.66
CA ASP A 540 27.15 0.09 12.33
C ASP A 540 26.29 -1.08 11.62
N ASP A 541 25.94 -1.52 10.38
CA ASP A 541 26.27 -1.44 8.93
C ASP A 541 25.70 -0.24 8.17
N TRP A 542 25.90 0.97 8.69
CA TRP A 542 25.50 2.20 7.94
C TRP A 542 26.17 2.66 6.61
N GLN A 543 27.41 3.10 6.58
CA GLN A 543 27.98 3.63 5.32
C GLN A 543 28.37 2.76 4.13
N PRO A 544 28.49 3.50 3.03
CA PRO A 544 28.48 2.97 1.68
C PRO A 544 29.50 1.99 1.36
N LYS A 545 28.85 0.94 0.97
CA LYS A 545 29.50 -0.21 0.54
C LYS A 545 30.16 0.27 -0.75
N THR A 546 29.47 1.12 -1.51
CA THR A 546 29.96 1.57 -2.81
C THR A 546 30.53 2.98 -2.72
N ALA A 547 31.16 3.41 -3.82
CA ALA A 547 31.73 4.74 -3.88
C ALA A 547 30.78 5.63 -4.68
N LYS A 548 30.19 5.06 -5.72
CA LYS A 548 29.25 5.78 -6.55
C LYS A 548 28.09 6.25 -5.71
N VAL A 549 27.53 5.34 -4.93
CA VAL A 549 26.46 5.68 -4.04
C VAL A 549 26.91 6.79 -3.10
N ARG A 550 28.14 6.70 -2.62
CA ARG A 550 28.67 7.66 -1.65
C ARG A 550 28.58 9.04 -2.23
N ALA A 551 28.82 9.11 -3.52
CA ALA A 551 28.83 10.36 -4.25
C ALA A 551 27.44 10.82 -4.61
N LEU A 552 26.48 9.91 -4.70
CA LEU A 552 25.15 10.32 -5.11
C LEU A 552 24.60 11.18 -4.01
N PHE A 553 24.72 10.72 -2.77
CA PHE A 553 24.19 11.49 -1.67
C PHE A 553 24.98 12.78 -1.53
N ALA A 554 26.22 12.72 -1.99
CA ALA A 554 27.13 13.86 -1.91
C ALA A 554 26.71 14.94 -2.88
N ARG A 555 26.47 14.52 -4.12
CA ARG A 555 26.16 15.45 -5.17
C ARG A 555 24.80 16.04 -4.88
N SER A 556 24.03 15.33 -4.07
CA SER A 556 22.66 15.74 -3.79
C SER A 556 22.56 16.77 -2.69
N GLY A 557 23.54 16.77 -1.80
CA GLY A 557 23.50 17.63 -0.64
C GLY A 557 22.89 16.89 0.52
N ILE A 558 22.28 15.73 0.25
CA ILE A 558 21.67 14.93 1.31
C ILE A 558 22.75 14.50 2.27
N THR A 559 22.39 14.46 3.54
CA THR A 559 23.32 14.08 4.58
C THR A 559 22.84 12.82 5.27
N LEU A 560 23.58 11.73 5.09
CA LEU A 560 23.20 10.47 5.69
C LEU A 560 23.25 10.62 7.20
N PRO A 561 22.15 10.35 7.87
CA PRO A 561 22.10 10.46 9.33
C PRO A 561 23.26 9.74 9.98
N THR A 562 23.70 10.28 11.12
CA THR A 562 24.84 9.76 11.82
C THR A 562 24.49 9.34 13.22
N ARG A 563 25.35 8.49 13.77
CA ARG A 563 25.17 7.98 15.10
C ARG A 563 24.65 8.99 16.10
N GLU A 564 25.21 10.19 16.05
CA GLU A 564 24.82 11.25 16.98
C GLU A 564 23.36 11.61 16.74
N MET A 565 23.00 11.74 15.46
CA MET A 565 21.63 12.08 15.08
C MET A 565 20.62 11.02 15.52
N TRP A 566 21.00 9.76 15.49
CA TRP A 566 20.11 8.69 15.97
C TRP A 566 20.05 8.78 17.49
N LEU A 567 21.22 8.87 18.12
CA LEU A 567 21.29 8.95 19.57
C LEU A 567 20.41 10.06 20.09
N LYS A 568 20.40 11.15 19.33
CA LYS A 568 19.63 12.32 19.69
C LYS A 568 18.14 12.03 19.57
N LEU A 569 17.76 11.52 18.41
CA LEU A 569 16.36 11.24 18.14
C LEU A 569 15.84 10.24 19.14
N ARG A 570 16.69 9.31 19.51
CA ARG A 570 16.34 8.30 20.47
C ARG A 570 15.97 8.93 21.81
N ASP A 571 16.59 10.07 22.14
CA ASP A 571 16.30 10.71 23.43
C ASP A 571 15.07 11.57 23.31
N ASP A 572 14.95 12.26 22.19
CA ASP A 572 13.76 13.06 21.95
C ASP A 572 12.52 12.16 21.86
N VAL A 573 12.71 10.94 21.36
CA VAL A 573 11.60 10.01 21.20
C VAL A 573 11.23 9.37 22.54
N MET A 574 12.22 8.94 23.31
CA MET A 574 11.94 8.32 24.59
C MET A 574 11.27 9.30 25.52
N ARG A 575 11.41 10.58 25.22
CA ARG A 575 10.90 11.59 26.12
C ARG A 575 9.57 12.17 25.66
N TYR A 576 9.54 12.68 24.44
CA TYR A 576 8.32 13.27 23.92
C TYR A 576 7.38 12.29 23.25
N GLY A 577 7.87 11.13 22.82
CA GLY A 577 7.02 10.15 22.17
C GLY A 577 6.94 10.28 20.66
N ILE A 578 5.93 9.65 20.08
CA ILE A 578 5.71 9.73 18.64
C ILE A 578 4.24 9.90 18.39
N TYR A 579 3.87 10.54 17.30
CA TYR A 579 2.46 10.74 17.06
C TYR A 579 1.86 9.55 16.36
N ASN A 580 2.54 9.05 15.33
CA ASN A 580 1.99 7.95 14.56
C ASN A 580 2.49 6.56 14.98
N GLN A 581 1.58 5.62 15.17
CA GLN A 581 1.95 4.25 15.55
C GLN A 581 2.71 3.57 14.43
N ASN A 582 2.51 4.04 13.21
CA ASN A 582 3.15 3.45 12.05
C ASN A 582 3.37 4.49 10.96
N LEU A 583 4.52 4.48 10.30
CA LEU A 583 4.80 5.53 9.31
C LEU A 583 4.92 5.14 7.85
N GLN A 584 5.72 4.11 7.57
CA GLN A 584 6.01 3.76 6.20
C GLN A 584 5.30 2.55 5.70
N ALA A 585 5.17 2.49 4.40
CA ALA A 585 4.51 1.38 3.76
C ALA A 585 4.60 1.58 2.27
N VAL A 586 4.97 0.51 1.57
CA VAL A 586 5.18 0.64 0.14
C VAL A 586 4.23 -0.13 -0.73
N PRO A 587 3.09 0.45 -1.00
CA PRO A 587 2.08 -0.24 -1.80
C PRO A 587 2.40 -0.04 -3.26
N PRO A 588 1.68 -0.71 -4.14
CA PRO A 588 1.91 -0.49 -5.56
C PRO A 588 1.25 0.82 -5.92
N THR A 589 1.93 1.60 -6.74
CA THR A 589 1.40 2.86 -7.18
C THR A 589 0.70 2.53 -8.50
N GLY A 590 -0.62 2.63 -8.53
CA GLY A 590 -1.35 2.30 -9.74
C GLY A 590 -1.27 3.40 -10.77
N SER A 591 -2.37 4.11 -10.93
CA SER A 591 -2.44 5.15 -11.93
C SER A 591 -1.78 6.45 -11.51
N ILE A 592 -1.74 6.75 -10.21
CA ILE A 592 -1.11 8.00 -9.82
C ILE A 592 0.31 8.02 -10.30
N SER A 593 0.91 6.86 -10.52
CA SER A 593 2.30 6.85 -10.93
C SER A 593 2.43 7.39 -12.35
N TYR A 594 1.43 7.19 -13.19
CA TYR A 594 1.52 7.70 -14.56
C TYR A 594 1.45 9.20 -14.56
N ILE A 595 0.60 9.77 -13.72
CA ILE A 595 0.52 11.20 -13.75
C ILE A 595 1.80 11.76 -13.14
N ASN A 596 2.35 11.08 -12.13
CA ASN A 596 3.59 11.57 -11.54
C ASN A 596 4.81 11.25 -12.39
N HIS A 597 4.65 10.31 -13.32
CA HIS A 597 5.73 9.86 -14.18
C HIS A 597 6.80 9.20 -13.41
N ALA A 598 6.46 8.06 -12.87
CA ALA A 598 7.40 7.31 -12.11
C ALA A 598 7.22 5.89 -12.51
N THR A 599 8.25 5.11 -12.20
CA THR A 599 8.16 3.70 -12.37
C THR A 599 7.44 3.25 -11.12
N SER A 600 6.51 2.33 -11.31
CA SER A 600 5.69 1.84 -10.22
C SER A 600 6.43 1.17 -9.07
N SER A 601 6.73 1.99 -8.10
CA SER A 601 7.41 1.62 -6.86
C SER A 601 8.88 1.24 -7.10
N ILE A 602 9.51 0.68 -6.11
CA ILE A 602 10.90 0.28 -6.15
C ILE A 602 11.03 -1.09 -6.79
N HIS A 603 10.28 -1.36 -7.84
CA HIS A 603 10.43 -2.63 -8.51
C HIS A 603 10.72 -2.35 -9.98
N PRO A 604 11.45 -3.20 -10.68
CA PRO A 604 11.76 -2.80 -12.06
C PRO A 604 10.52 -2.59 -12.92
N ILE A 605 10.68 -1.91 -14.05
CA ILE A 605 9.55 -1.62 -14.92
C ILE A 605 9.02 -2.90 -15.49
N VAL A 606 7.72 -2.99 -15.72
CA VAL A 606 7.15 -4.18 -16.34
C VAL A 606 7.34 -4.11 -17.83
N ALA A 607 7.74 -2.97 -18.37
CA ALA A 607 8.02 -2.91 -19.79
C ALA A 607 8.68 -1.60 -20.13
N LYS A 608 9.21 -1.51 -21.34
CA LYS A 608 9.86 -0.29 -21.74
C LYS A 608 8.75 0.64 -22.14
N ILE A 609 7.82 0.11 -22.93
CA ILE A 609 6.68 0.86 -23.38
C ILE A 609 5.47 0.08 -22.87
N GLU A 610 4.94 0.48 -21.73
CA GLU A 610 3.81 -0.19 -21.13
C GLU A 610 2.59 0.04 -21.97
N ILE A 611 1.73 -0.97 -22.07
CA ILE A 611 0.51 -0.83 -22.84
C ILE A 611 -0.71 -0.99 -21.98
N ARG A 612 -1.63 -0.03 -22.04
CA ARG A 612 -2.84 -0.12 -21.26
C ARG A 612 -4.00 -0.14 -22.19
N LYS A 613 -5.03 -0.87 -21.77
CA LYS A 613 -6.20 -1.05 -22.57
C LYS A 613 -7.26 -0.03 -22.19
N GLU A 614 -7.12 1.20 -22.67
CA GLU A 614 -8.02 2.29 -22.30
C GLU A 614 -8.29 3.18 -23.49
N GLY A 615 -9.48 3.78 -23.54
CA GLY A 615 -9.82 4.73 -24.60
C GLY A 615 -10.38 4.20 -25.91
N LYS A 616 -10.69 5.14 -26.80
CA LYS A 616 -11.25 4.90 -28.13
C LYS A 616 -10.42 3.94 -28.98
N THR A 617 -9.11 4.00 -28.79
CA THR A 617 -8.13 3.22 -29.53
C THR A 617 -7.99 1.82 -28.95
N GLY A 618 -8.36 1.67 -27.69
CA GLY A 618 -8.25 0.40 -27.01
C GLY A 618 -6.87 0.26 -26.42
N ARG A 619 -5.93 1.05 -26.92
CA ARG A 619 -4.57 0.98 -26.43
C ARG A 619 -3.98 2.34 -26.20
N VAL A 620 -3.17 2.45 -25.16
CA VAL A 620 -2.45 3.67 -24.85
C VAL A 620 -1.10 3.29 -24.34
N TYR A 621 -0.07 3.88 -24.90
CA TYR A 621 1.28 3.50 -24.59
C TYR A 621 1.99 4.45 -23.64
N TYR A 622 2.89 3.90 -22.82
CA TYR A 622 3.57 4.69 -21.78
C TYR A 622 5.07 4.47 -21.60
N PRO A 623 5.93 5.35 -22.11
CA PRO A 623 7.38 5.16 -21.99
C PRO A 623 7.90 5.47 -20.62
N ALA A 624 8.91 4.74 -20.17
CA ALA A 624 9.43 4.96 -18.83
C ALA A 624 10.21 6.26 -18.66
N PRO A 625 10.25 6.73 -17.43
CA PRO A 625 10.99 7.93 -17.08
C PRO A 625 12.45 7.87 -17.44
N PHE A 626 12.93 9.00 -17.92
CA PHE A 626 14.33 9.20 -18.30
C PHE A 626 14.83 8.24 -19.33
N MET A 627 13.94 7.52 -19.98
CA MET A 627 14.39 6.51 -20.92
C MET A 627 14.52 7.16 -22.27
N THR A 628 15.67 6.97 -22.91
CA THR A 628 15.90 7.46 -24.26
C THR A 628 16.58 6.37 -25.02
N ASN A 629 16.61 6.52 -26.33
CA ASN A 629 17.28 5.58 -27.19
C ASN A 629 18.76 5.45 -26.89
N GLU A 630 19.30 6.18 -25.91
CA GLU A 630 20.74 6.03 -25.67
C GLU A 630 21.01 5.30 -24.35
N ASN A 631 19.96 4.80 -23.69
CA ASN A 631 20.14 4.05 -22.44
C ASN A 631 19.17 2.89 -22.24
N LEU A 632 18.51 2.47 -23.32
CA LEU A 632 17.55 1.39 -23.22
C LEU A 632 18.15 0.24 -22.45
N ASP A 633 19.45 0.07 -22.55
CA ASP A 633 20.03 -1.12 -21.98
C ASP A 633 19.99 -1.04 -20.46
N MET A 634 19.49 0.06 -19.95
CA MET A 634 19.42 0.24 -18.51
C MET A 634 18.00 -0.07 -18.02
N TYR A 635 17.08 -0.19 -18.96
CA TYR A 635 15.68 -0.48 -18.67
C TYR A 635 15.27 -1.91 -19.01
N GLN A 636 15.64 -2.87 -18.17
CA GLN A 636 15.25 -4.25 -18.41
C GLN A 636 14.00 -4.59 -17.61
N ASP A 637 13.03 -5.28 -18.22
CA ASP A 637 11.77 -5.58 -17.53
C ASP A 637 11.96 -6.54 -16.35
N ALA A 638 10.95 -6.63 -15.49
CA ALA A 638 11.01 -7.41 -14.25
C ALA A 638 11.18 -8.90 -14.52
N TYR A 639 10.65 -9.32 -15.65
CA TYR A 639 10.75 -10.66 -16.12
C TYR A 639 12.23 -10.93 -16.34
N ASP A 640 12.91 -10.06 -17.09
CA ASP A 640 14.34 -10.18 -17.35
C ASP A 640 15.12 -10.08 -16.07
N ILE A 641 14.84 -9.08 -15.26
CA ILE A 641 15.62 -8.94 -14.04
C ILE A 641 15.48 -10.17 -13.18
N GLY A 642 14.31 -10.79 -13.17
CA GLY A 642 14.00 -11.88 -12.27
C GLY A 642 13.91 -11.59 -10.78
N PRO A 643 13.20 -12.49 -10.12
CA PRO A 643 12.81 -12.43 -8.71
C PRO A 643 13.93 -12.31 -7.70
N GLU A 644 15.08 -12.90 -7.99
CA GLU A 644 16.16 -12.84 -7.04
C GLU A 644 16.52 -11.38 -6.84
N LYS A 645 16.88 -10.69 -7.93
CA LYS A 645 17.29 -9.30 -7.78
C LYS A 645 16.17 -8.46 -7.19
N ILE A 646 14.93 -8.76 -7.53
CA ILE A 646 13.83 -7.97 -7.01
C ILE A 646 13.77 -8.18 -5.52
N ILE A 647 13.76 -9.43 -5.11
CA ILE A 647 13.66 -9.73 -3.69
C ILE A 647 14.75 -9.06 -2.90
N ASP A 648 15.91 -9.03 -3.52
CA ASP A 648 17.10 -8.56 -2.86
C ASP A 648 16.89 -7.11 -2.56
N THR A 649 16.33 -6.41 -3.54
CA THR A 649 16.00 -5.02 -3.35
C THR A 649 15.03 -4.86 -2.19
N TYR A 650 13.84 -5.42 -2.29
CA TYR A 650 12.87 -5.24 -1.21
C TYR A 650 13.42 -5.55 0.16
N ALA A 651 14.43 -6.39 0.22
CA ALA A 651 14.99 -6.78 1.50
C ALA A 651 15.71 -5.66 2.16
N GLU A 652 16.45 -4.91 1.37
CA GLU A 652 17.18 -3.79 1.90
C GLU A 652 16.17 -2.80 2.46
N ALA A 653 14.99 -2.77 1.88
CA ALA A 653 14.03 -1.78 2.31
C ALA A 653 13.27 -2.26 3.51
N THR A 654 12.98 -3.55 3.50
CA THR A 654 12.27 -4.17 4.59
C THR A 654 12.94 -3.97 5.91
N ARG A 655 14.19 -3.58 5.89
CA ARG A 655 14.93 -3.39 7.11
C ARG A 655 14.43 -2.16 7.85
N HIS A 656 13.84 -1.24 7.11
CA HIS A 656 13.48 0.06 7.64
C HIS A 656 12.00 0.36 7.69
N VAL A 657 11.29 -0.04 6.64
CA VAL A 657 9.88 0.22 6.55
C VAL A 657 9.19 -0.49 7.68
N ASP A 658 8.57 0.23 8.58
CA ASP A 658 8.00 -0.44 9.74
C ASP A 658 6.78 -1.30 9.41
N GLN A 659 6.11 -1.00 8.31
CA GLN A 659 4.92 -1.74 7.93
C GLN A 659 5.17 -2.85 6.92
N GLY A 660 5.51 -2.56 5.68
CA GLY A 660 5.48 -3.65 4.72
C GLY A 660 5.38 -3.15 3.28
N LEU A 661 5.71 -4.02 2.34
CA LEU A 661 5.80 -3.63 0.96
C LEU A 661 5.19 -4.65 0.02
N SER A 662 4.47 -4.17 -0.99
CA SER A 662 3.85 -5.08 -1.94
C SER A 662 4.88 -5.61 -2.92
N LEU A 663 5.16 -6.90 -2.80
CA LEU A 663 6.19 -7.57 -3.58
C LEU A 663 5.59 -8.59 -4.52
N THR A 664 5.66 -8.33 -5.81
CA THR A 664 5.21 -9.25 -6.81
C THR A 664 6.37 -9.82 -7.57
N LEU A 665 6.41 -11.14 -7.72
CA LEU A 665 7.46 -11.79 -8.48
C LEU A 665 6.96 -11.92 -9.91
N PHE A 666 7.82 -11.69 -10.90
CA PHE A 666 7.45 -11.91 -12.30
C PHE A 666 8.20 -13.12 -12.87
N PHE A 667 7.45 -14.17 -13.25
CA PHE A 667 8.06 -15.39 -13.74
C PHE A 667 7.73 -15.58 -15.21
N PRO A 668 8.63 -16.24 -15.92
CA PRO A 668 8.39 -16.62 -17.31
C PRO A 668 7.23 -17.57 -17.40
N ASP A 669 6.67 -17.75 -18.60
CA ASP A 669 5.55 -18.67 -18.73
C ASP A 669 6.04 -20.12 -18.65
N THR A 670 7.34 -20.33 -18.75
CA THR A 670 7.84 -21.69 -18.67
C THR A 670 8.04 -22.12 -17.23
N ALA A 671 7.91 -21.20 -16.29
CA ALA A 671 8.24 -21.52 -14.91
C ALA A 671 7.36 -22.60 -14.33
N THR A 672 7.85 -23.18 -13.24
CA THR A 672 7.21 -24.30 -12.58
C THR A 672 6.95 -23.97 -11.14
N THR A 673 6.09 -24.75 -10.52
CA THR A 673 5.73 -24.48 -9.15
C THR A 673 6.96 -24.56 -8.27
N ARG A 674 7.93 -25.33 -8.69
CA ARG A 674 9.13 -25.48 -7.91
C ARG A 674 9.91 -24.18 -7.99
N ASP A 675 9.91 -23.61 -9.19
CA ASP A 675 10.59 -22.36 -9.44
C ASP A 675 10.03 -21.34 -8.46
N ILE A 676 8.70 -21.29 -8.43
CA ILE A 676 7.95 -20.37 -7.61
C ILE A 676 8.32 -20.64 -6.18
N ASN A 677 8.26 -21.90 -5.82
CA ASN A 677 8.50 -22.24 -4.44
C ASN A 677 9.88 -21.82 -3.99
N LYS A 678 10.87 -21.97 -4.88
CA LYS A 678 12.24 -21.58 -4.54
C LYS A 678 12.33 -20.08 -4.37
N ALA A 679 11.59 -19.32 -5.17
CA ALA A 679 11.60 -17.86 -5.02
C ALA A 679 11.06 -17.48 -3.64
N GLN A 680 9.93 -18.07 -3.28
CA GLN A 680 9.34 -17.84 -1.98
C GLN A 680 10.30 -18.20 -0.82
N ILE A 681 10.99 -19.33 -0.91
CA ILE A 681 11.84 -19.71 0.21
C ILE A 681 12.91 -18.66 0.33
N TYR A 682 13.43 -18.25 -0.82
CA TYR A 682 14.50 -17.30 -0.81
C TYR A 682 14.01 -16.05 -0.11
N ALA A 683 12.82 -15.62 -0.52
CA ALA A 683 12.20 -14.45 0.06
C ALA A 683 12.16 -14.60 1.56
N TRP A 684 11.51 -15.67 2.02
CA TRP A 684 11.41 -15.94 3.45
C TRP A 684 12.81 -15.81 4.05
N ARG A 685 13.73 -16.62 3.56
CA ARG A 685 15.11 -16.61 4.05
C ARG A 685 15.71 -15.21 4.16
N LYS A 686 15.43 -14.34 3.19
CA LYS A 686 16.01 -12.98 3.18
C LYS A 686 15.34 -11.91 4.04
N GLY A 687 14.24 -12.21 4.73
CA GLY A 687 13.62 -11.18 5.55
C GLY A 687 12.35 -10.52 5.05
N ILE A 688 11.96 -10.79 3.80
CA ILE A 688 10.71 -10.28 3.26
C ILE A 688 9.54 -10.53 4.22
N LYS A 689 8.74 -9.51 4.49
CA LYS A 689 7.59 -9.63 5.39
C LYS A 689 6.37 -10.18 4.70
N SER A 690 6.30 -10.08 3.39
CA SER A 690 5.14 -10.57 2.70
C SER A 690 5.34 -10.57 1.21
N LEU A 691 4.41 -11.25 0.53
CA LEU A 691 4.43 -11.44 -0.91
C LEU A 691 3.03 -11.20 -1.46
N TYR A 692 2.96 -10.62 -2.67
CA TYR A 692 1.71 -10.18 -3.27
C TYR A 692 1.13 -11.06 -4.36
N TYR A 693 1.68 -11.02 -5.55
CA TYR A 693 1.13 -11.86 -6.59
C TYR A 693 2.25 -12.67 -7.08
N ILE A 694 1.88 -13.48 -8.01
CA ILE A 694 2.83 -14.23 -8.71
C ILE A 694 2.28 -13.91 -10.05
N ARG A 695 2.97 -13.05 -10.75
CA ARG A 695 2.51 -12.72 -12.06
C ARG A 695 3.35 -13.61 -12.91
N LEU A 696 2.67 -14.46 -13.65
CA LEU A 696 3.34 -15.32 -14.58
C LEU A 696 3.38 -14.44 -15.80
N ARG A 697 3.89 -14.92 -16.91
CA ARG A 697 3.95 -14.05 -18.07
C ARG A 697 2.58 -13.57 -18.57
N GLN A 698 2.62 -12.70 -19.55
CA GLN A 698 1.45 -12.00 -20.07
C GLN A 698 0.74 -12.72 -21.23
N LEU A 699 -0.29 -12.06 -21.76
CA LEU A 699 -1.14 -12.46 -22.90
C LEU A 699 -0.49 -13.01 -24.19
#